data_4N7L
#
_entry.id   4N7L
#
_cell.length_a   139.590
_cell.length_b   139.590
_cell.length_c   184.052
_cell.angle_alpha   90.000
_cell.angle_beta   90.000
_cell.angle_gamma   120.000
#
_symmetry.space_group_name_H-M   'P 31 2 1'
#
loop_
_entity.id
_entity.type
_entity.pdbx_description
1 polymer 'Reaction center protein H chain'
2 polymer 'Reaction center protein L chain'
3 polymer 'Reaction center protein M chain'
4 non-polymer GLYCEROL
5 non-polymer 'NONADEC-10-ENOIC ACID 2-[3,4-DIHYDROXY-6-HYDROXYMETHYL-5-(3,4,5-TRIHYDROXY-6-HYDROXYMETHYL-TETRAHYDRO-PYRAN-2-YLOXY)-TETRAHYDRO-PYRAN-2-YLOXY] -1-OCTADEC-9-ENOYLOXYMETHYL-ETHYL ESTER'
6 non-polymer 'LAURYL DIMETHYLAMINE-N-OXIDE'
7 non-polymer UBIQUINONE-10
8 non-polymer '[methyl 9-acetyl-14-ethyl-20-hydroxy-4,8,13,18-tetramethyl-3-{3-oxo-3-[(3,7,11,15-tetramethylhexadec-2-en-1-yl)oxy]propyl}-3,4,20,21-tetradehydrophorbine-21-carboxylatato(2-)-kappa~4~N~23~,N~24~,N~25~,N~26~]zinc'
9 non-polymer 'PHOSPHATE ION'
10 non-polymer HEPTANE-1,2,3-TRIOL
11 non-polymer 'FE (III) ION'
12 non-polymer SPHEROIDENE
13 non-polymer CARDIOLIPIN
14 non-polymer 1,2-DIACYL-SN-GLYCERO-3-PHOSPHOCHOLINE
15 water water
#
loop_
_entity_poly.entity_id
_entity_poly.type
_entity_poly.pdbx_seq_one_letter_code
_entity_poly.pdbx_strand_id
1 'polypeptide(L)'
;DLASLAIYSFWIFLAGLIYYLQTENMREGYPLENEDGTPAANQGPFPLPKPKTFILPHGRGTLTVPGPESEDRPIALART
AVSEGFPHAPTGDPMKDGVGPASWVARRDLPELDGHGHNKIKPMKAAAGFHVSAGKNPIGLPVRGCDLEIAGKVVDIWVD
IPEQMARFLEVELKDGSTRLLPMQMVKVQSNRVHVNALSSDLFAGIPTIKSPTEVTLLEEDKICGYVAGGLMYAAPKRKS
V
;
H
2 'polypeptide(L)'
;ALLSFERKYRVPGGTLVGGNLFDFWVGPFYVGFFGVATFFFAALGIILIAWSAVLQGTWNPQLISVYPPALEYGLGGAPL
AKGGLWQIITICATGAFVSWALREVEICRKLGIGYHIPFAFAFAILAYLTLVLFRPVMMGAWGYAFPYGIWTHLDWVSNT
GYTYGNFHYNPAHMIAISFFFTNALALALHGALVLSAANPEKGKEMRTPDHEDTFFRDLVGYSIGTLGIHRLGLLLSLSA
VFFSALCMIITGTIWFDQWVDWWQWWVKLPWWANIPGGING
;
L
3 'polypeptide(L)'
;AEYQNIFSQVQVRGPADLGMTEDVNLANRSGVGPFSTLLGWFGNAQLGPIYLGSLGVLSLFSGLMWFFTIGIWFWYQAGW
NPAVFLRDLFFFSLEPPAPEYGLSFAAPLKEGGLWLIASFFMFVAVWSWWGRTYLRAQALGMGKHTAWAFLSAIWLWMVL
GFIRPILMGSWSEAVPYGIFSHLDWTNNFSLVHGNLFYNPFHGLSIAFLYGSAHLFAMHGATILAVSRFGGERELEQIAD
RGTAAERAALFWRWTMGFNATMEGIHRWAIWMAVLVTLTGGIGILLSGTVVDNWYVWGQNHGM
;
M
#
# COMPACT_ATOMS: atom_id res chain seq x y z
N ASP A 1 8.48 36.16 -4.16
CA ASP A 1 8.37 35.99 -2.67
C ASP A 1 8.71 34.59 -2.28
N LEU A 2 9.04 34.41 -1.00
CA LEU A 2 9.46 33.11 -0.46
C LEU A 2 8.59 31.93 -0.93
N ALA A 3 7.28 32.06 -0.86
CA ALA A 3 6.40 30.95 -1.21
C ALA A 3 6.48 30.55 -2.69
N SER A 4 6.60 31.54 -3.57
CA SER A 4 6.84 31.29 -4.99
C SER A 4 8.15 30.57 -5.21
N LEU A 5 9.16 31.01 -4.47
CA LEU A 5 10.48 30.43 -4.58
C LEU A 5 10.47 28.96 -4.10
N ALA A 6 9.81 28.71 -2.96
CA ALA A 6 9.80 27.38 -2.36
C ALA A 6 9.07 26.37 -3.24
N ILE A 7 8.00 26.79 -3.90
CA ILE A 7 7.25 25.85 -4.72
C ILE A 7 7.95 25.56 -6.07
N TYR A 8 8.46 26.61 -6.70
CA TYR A 8 9.19 26.48 -7.92
C TYR A 8 10.34 25.45 -7.65
N SER A 9 11.06 25.64 -6.55
CA SER A 9 12.17 24.77 -6.15
C SER A 9 11.72 23.36 -5.98
N PHE A 10 10.64 23.22 -5.24
CA PHE A 10 10.07 21.92 -5.04
C PHE A 10 9.74 21.19 -6.37
N TRP A 11 9.05 21.83 -7.28
CA TRP A 11 8.82 21.23 -8.60
C TRP A 11 10.11 20.80 -9.28
N ILE A 12 11.19 21.56 -9.07
CA ILE A 12 12.45 21.22 -9.71
C ILE A 12 12.94 19.98 -9.03
N PHE A 13 12.95 20.01 -7.70
CA PHE A 13 13.31 18.82 -6.94
C PHE A 13 12.52 17.61 -7.45
N LEU A 14 11.20 17.68 -7.40
CA LEU A 14 10.33 16.57 -7.80
C LEU A 14 10.64 15.97 -9.20
N ALA A 15 10.92 16.85 -10.13
CA ALA A 15 11.35 16.46 -11.48
C ALA A 15 12.57 15.54 -11.41
N GLY A 16 13.59 15.97 -10.67
CA GLY A 16 14.79 15.18 -10.42
C GLY A 16 14.50 13.86 -9.72
N LEU A 17 13.56 13.88 -8.80
CA LEU A 17 13.23 12.69 -8.05
C LEU A 17 12.67 11.64 -8.98
N ILE A 18 11.81 12.06 -9.90
CA ILE A 18 11.09 11.12 -10.75
C ILE A 18 12.10 10.47 -11.67
N TYR A 19 12.91 11.32 -12.26
CA TYR A 19 14.06 10.86 -12.98
C TYR A 19 14.84 9.75 -12.21
N TYR A 20 15.35 10.08 -11.03
CA TYR A 20 16.09 9.11 -10.22
C TYR A 20 15.27 7.84 -9.98
N LEU A 21 14.01 7.99 -9.58
CA LEU A 21 13.14 6.82 -9.36
C LEU A 21 12.91 6.01 -10.63
N GLN A 22 12.66 6.69 -11.74
CA GLN A 22 12.39 5.96 -12.94
C GLN A 22 13.62 5.22 -13.38
N THR A 23 14.79 5.87 -13.30
CA THR A 23 16.03 5.21 -13.71
C THR A 23 16.30 4.02 -12.79
N GLU A 24 16.16 4.22 -11.47
CA GLU A 24 16.33 3.10 -10.54
C GLU A 24 15.48 1.89 -10.96
N ASN A 25 14.24 2.11 -11.39
CA ASN A 25 13.38 1.00 -11.82
C ASN A 25 13.69 0.43 -13.23
N MET A 26 14.81 0.86 -13.80
CA MET A 26 15.28 0.33 -15.10
C MET A 26 16.48 -0.60 -14.92
N ARG A 27 16.64 -1.12 -13.72
CA ARG A 27 17.78 -1.97 -13.43
C ARG A 27 17.47 -3.42 -13.78
N GLU A 28 16.23 -3.74 -14.06
CA GLU A 28 15.94 -5.09 -14.56
C GLU A 28 15.07 -4.99 -15.80
N GLY A 29 15.49 -5.71 -16.83
CA GLY A 29 14.63 -5.96 -17.97
C GLY A 29 14.95 -5.08 -19.15
N TYR A 30 15.79 -4.08 -18.87
CA TYR A 30 16.27 -3.13 -19.85
C TYR A 30 17.69 -3.56 -20.20
N PRO A 31 18.14 -3.25 -21.43
CA PRO A 31 17.44 -2.55 -22.51
C PRO A 31 16.29 -3.33 -23.14
N LEU A 32 15.28 -2.61 -23.55
CA LEU A 32 14.19 -3.16 -24.34
C LEU A 32 14.71 -3.89 -25.56
N GLU A 33 13.97 -4.91 -25.93
CA GLU A 33 14.33 -5.74 -27.04
C GLU A 33 13.16 -5.83 -28.03
N ASN A 34 13.51 -6.19 -29.26
CA ASN A 34 12.49 -6.56 -30.22
C ASN A 34 12.12 -8.02 -29.94
N GLU A 35 11.08 -8.48 -30.61
CA GLU A 35 10.59 -9.83 -30.38
C GLU A 35 11.67 -10.92 -30.65
N ASP A 36 12.71 -10.58 -31.44
CA ASP A 36 13.82 -11.49 -31.81
C ASP A 36 15.00 -11.50 -30.84
N GLY A 37 14.93 -10.67 -29.78
CA GLY A 37 16.04 -10.53 -28.83
C GLY A 37 17.03 -9.40 -29.11
N THR A 38 16.92 -8.76 -30.27
CA THR A 38 17.81 -7.64 -30.55
C THR A 38 17.38 -6.43 -29.74
N PRO A 39 18.32 -5.55 -29.41
CA PRO A 39 18.02 -4.27 -28.75
C PRO A 39 17.11 -3.40 -29.61
N ALA A 40 15.97 -3.04 -29.09
CA ALA A 40 15.05 -2.20 -29.81
C ALA A 40 15.65 -0.83 -30.01
N ALA A 41 15.10 -0.14 -31.00
CA ALA A 41 15.59 1.14 -31.45
C ALA A 41 15.21 2.23 -30.48
N ASN A 42 13.92 2.32 -30.18
CA ASN A 42 13.40 3.29 -29.22
C ASN A 42 13.43 2.76 -27.78
N GLN A 43 14.41 3.24 -27.02
CA GLN A 43 14.51 2.99 -25.59
C GLN A 43 13.76 4.04 -24.73
N GLY A 44 13.15 5.04 -25.35
CA GLY A 44 12.58 6.17 -24.60
C GLY A 44 13.60 7.13 -23.97
N PRO A 45 13.10 8.16 -23.31
CA PRO A 45 13.93 9.27 -22.92
C PRO A 45 14.82 9.04 -21.72
N PHE A 46 14.61 7.94 -20.98
CA PHE A 46 15.36 7.67 -19.73
C PHE A 46 16.57 6.77 -20.00
N PRO A 47 17.79 7.20 -19.60
CA PRO A 47 18.99 6.39 -19.77
C PRO A 47 19.12 5.34 -18.67
N LEU A 48 19.98 4.32 -18.84
CA LEU A 48 20.17 3.33 -17.78
C LEU A 48 20.98 3.98 -16.66
N PRO A 49 20.89 3.42 -15.44
CA PRO A 49 21.69 4.02 -14.37
C PRO A 49 23.04 3.40 -14.36
N LYS A 50 23.98 4.08 -13.67
CA LYS A 50 25.30 3.54 -13.35
C LYS A 50 25.00 2.38 -12.44
N PRO A 51 25.67 1.23 -12.63
CA PRO A 51 25.21 0.06 -11.92
C PRO A 51 25.62 0.06 -10.46
N LYS A 52 24.90 -0.75 -9.70
CA LYS A 52 25.13 -0.91 -8.29
C LYS A 52 25.32 -2.41 -8.05
N THR A 53 25.96 -2.71 -6.93
CA THR A 53 26.33 -4.08 -6.60
C THR A 53 25.91 -4.45 -5.19
N PHE A 54 25.04 -5.45 -5.16
CA PHE A 54 24.57 -6.02 -3.96
C PHE A 54 25.51 -7.14 -3.61
N ILE A 55 25.98 -7.12 -2.35
CA ILE A 55 26.75 -8.22 -1.78
C ILE A 55 25.76 -9.18 -1.11
N LEU A 56 25.77 -10.42 -1.58
CA LEU A 56 24.85 -11.43 -1.09
C LEU A 56 25.55 -12.14 0.03
N PRO A 57 24.81 -12.46 1.09
CA PRO A 57 25.48 -13.14 2.19
C PRO A 57 25.71 -14.61 1.87
N HIS A 58 26.48 -15.22 2.78
CA HIS A 58 26.75 -16.66 2.76
C HIS A 58 27.60 -17.09 1.58
N GLY A 59 28.41 -16.16 1.07
CA GLY A 59 29.31 -16.42 -0.06
C GLY A 59 28.62 -16.66 -1.39
N ARG A 60 27.31 -16.47 -1.43
CA ARG A 60 26.51 -16.63 -2.65
C ARG A 60 26.93 -15.62 -3.76
N GLY A 61 27.74 -14.63 -3.41
CA GLY A 61 28.38 -13.79 -4.41
C GLY A 61 27.89 -12.37 -4.41
N THR A 62 27.79 -11.80 -5.60
CA THR A 62 27.17 -10.49 -5.78
C THR A 62 26.20 -10.51 -6.96
N LEU A 63 25.28 -9.54 -6.96
CA LEU A 63 24.49 -9.19 -8.14
C LEU A 63 24.75 -7.75 -8.44
N THR A 64 25.02 -7.48 -9.71
CA THR A 64 25.31 -6.14 -10.16
C THR A 64 24.35 -5.81 -11.27
N VAL A 65 23.59 -4.73 -11.07
CA VAL A 65 22.59 -4.28 -12.05
C VAL A 65 22.65 -2.75 -12.23
N PRO A 66 22.32 -2.24 -13.45
CA PRO A 66 21.99 -3.08 -14.59
C PRO A 66 23.15 -3.99 -15.04
N GLY A 67 22.79 -5.14 -15.61
CA GLY A 67 23.75 -6.04 -16.22
C GLY A 67 23.21 -6.68 -17.49
N PRO A 68 24.05 -7.48 -18.16
CA PRO A 68 23.61 -8.17 -19.37
C PRO A 68 22.46 -9.14 -19.10
N GLU A 69 21.39 -8.95 -19.86
CA GLU A 69 20.16 -9.71 -19.68
C GLU A 69 20.11 -10.80 -20.71
N SER A 70 19.92 -12.01 -20.22
CA SER A 70 19.44 -13.09 -21.04
C SER A 70 18.57 -14.04 -20.21
N GLU A 71 17.72 -14.76 -20.91
CA GLU A 71 16.83 -15.74 -20.31
C GLU A 71 17.54 -16.99 -19.75
N ASP A 72 18.79 -17.23 -20.17
CA ASP A 72 19.49 -18.48 -19.87
C ASP A 72 18.61 -19.71 -19.96
N ARG A 73 17.72 -19.77 -20.96
CA ARG A 73 16.90 -21.00 -21.22
C ARG A 73 16.21 -20.96 -22.60
N PRO A 74 15.92 -22.15 -23.12
CA PRO A 74 15.13 -22.24 -24.37
C PRO A 74 13.71 -21.81 -24.10
N ILE A 75 13.15 -21.06 -25.05
CA ILE A 75 11.80 -20.56 -24.92
C ILE A 75 10.95 -21.17 -26.00
N ALA A 76 10.06 -22.08 -25.68
CA ALA A 76 9.29 -22.84 -26.71
C ALA A 76 8.10 -22.07 -27.31
N LEU A 77 8.38 -20.96 -27.97
CA LEU A 77 7.32 -20.17 -28.60
C LEU A 77 7.71 -19.78 -30.00
N ALA A 78 6.70 -19.48 -30.81
CA ALA A 78 6.94 -18.93 -32.14
C ALA A 78 5.91 -17.90 -32.51
N ARG A 79 6.31 -16.88 -33.29
CA ARG A 79 5.39 -15.82 -33.78
C ARG A 79 4.14 -16.35 -34.43
N THR A 80 3.02 -15.66 -34.24
CA THR A 80 1.76 -16.00 -34.93
C THR A 80 1.43 -15.01 -36.04
N ALA A 81 2.36 -14.11 -36.33
CA ALA A 81 2.10 -12.99 -37.23
C ALA A 81 3.37 -12.41 -37.86
N VAL A 82 3.18 -11.51 -38.81
CA VAL A 82 4.31 -11.01 -39.61
C VAL A 82 4.82 -9.63 -39.16
N SER A 83 4.13 -9.06 -38.18
CA SER A 83 4.53 -7.80 -37.59
C SER A 83 4.57 -7.86 -36.04
N GLU A 84 5.23 -6.86 -35.42
CA GLU A 84 5.38 -6.76 -33.95
C GLU A 84 4.00 -6.76 -33.29
N GLY A 85 3.94 -7.34 -32.10
CA GLY A 85 2.85 -7.09 -31.15
C GLY A 85 1.77 -8.14 -30.99
N PHE A 86 1.88 -9.24 -31.72
CA PHE A 86 0.89 -10.32 -31.54
C PHE A 86 1.35 -11.39 -30.56
N PRO A 87 0.44 -12.27 -30.11
CA PRO A 87 0.90 -13.36 -29.30
C PRO A 87 1.83 -14.36 -30.02
N HIS A 88 2.60 -15.06 -29.19
CA HIS A 88 3.53 -16.06 -29.64
C HIS A 88 2.98 -17.40 -29.18
N ALA A 89 2.67 -18.25 -30.16
CA ALA A 89 2.08 -19.55 -29.89
C ALA A 89 3.10 -20.54 -29.31
N PRO A 90 2.65 -21.44 -28.43
CA PRO A 90 3.55 -22.45 -27.90
C PRO A 90 3.88 -23.52 -28.92
N THR A 91 5.17 -23.80 -29.12
CA THR A 91 5.58 -24.76 -30.16
C THR A 91 5.28 -26.17 -29.73
N GLY A 92 5.26 -26.39 -28.42
CA GLY A 92 4.97 -27.69 -27.80
C GLY A 92 3.87 -27.59 -26.74
N ASP A 93 4.02 -28.35 -25.68
CA ASP A 93 3.04 -28.36 -24.59
C ASP A 93 3.54 -27.31 -23.58
N PRO A 94 2.79 -26.21 -23.40
CA PRO A 94 3.30 -25.02 -22.70
C PRO A 94 3.52 -25.22 -21.22
N MET A 95 2.74 -26.12 -20.63
CA MET A 95 2.95 -26.55 -19.26
C MET A 95 4.33 -27.18 -19.09
N LYS A 96 4.66 -28.14 -19.96
CA LYS A 96 5.95 -28.84 -19.91
C LYS A 96 7.11 -27.97 -20.35
N ASP A 97 6.83 -27.04 -21.26
CA ASP A 97 7.89 -26.18 -21.83
C ASP A 97 8.16 -24.96 -20.97
N GLY A 98 7.28 -24.69 -20.01
CA GLY A 98 7.48 -23.58 -19.09
C GLY A 98 7.29 -22.24 -19.79
N VAL A 99 6.20 -22.09 -20.52
CA VAL A 99 5.87 -20.79 -21.12
C VAL A 99 4.48 -20.29 -20.77
N GLY A 100 4.25 -19.02 -21.08
CA GLY A 100 2.97 -18.41 -20.79
C GLY A 100 2.71 -18.36 -19.30
N PRO A 101 1.48 -18.58 -18.88
CA PRO A 101 1.31 -18.56 -17.45
C PRO A 101 2.01 -19.76 -16.73
N ALA A 102 2.60 -20.70 -17.49
CA ALA A 102 3.41 -21.76 -16.86
C ALA A 102 4.90 -21.43 -16.73
N SER A 103 5.30 -20.21 -17.11
CA SER A 103 6.71 -19.76 -17.12
C SER A 103 7.44 -19.78 -15.76
N TRP A 104 8.71 -20.16 -15.82
CA TRP A 104 9.61 -20.09 -14.68
C TRP A 104 10.78 -19.29 -15.14
N VAL A 105 11.49 -18.69 -14.19
CA VAL A 105 12.74 -18.04 -14.47
C VAL A 105 13.86 -18.95 -14.00
N ALA A 106 15.00 -18.88 -14.69
CA ALA A 106 16.23 -19.59 -14.29
C ALA A 106 16.89 -18.84 -13.16
N ARG A 107 16.33 -19.05 -11.97
CA ARG A 107 16.93 -18.49 -10.75
C ARG A 107 18.07 -19.44 -10.38
N ARG A 108 18.93 -19.00 -9.44
CA ARG A 108 19.94 -19.85 -8.78
C ARG A 108 19.39 -21.21 -8.42
N ASP A 109 20.17 -22.28 -8.64
CA ASP A 109 19.72 -23.65 -8.31
C ASP A 109 20.22 -24.04 -6.92
N LEU A 110 20.01 -23.15 -5.96
CA LEU A 110 20.26 -23.39 -4.53
C LEU A 110 19.04 -22.95 -3.74
N PRO A 111 18.93 -23.36 -2.49
CA PRO A 111 17.77 -22.90 -1.74
C PRO A 111 18.03 -21.55 -1.10
N GLU A 112 16.98 -20.82 -0.85
CA GLU A 112 17.14 -19.55 -0.16
C GLU A 112 17.58 -19.92 1.21
N LEU A 113 18.53 -19.15 1.76
CA LEU A 113 18.98 -19.40 3.13
C LEU A 113 18.46 -18.36 4.07
N ASP A 114 18.21 -18.76 5.30
CA ASP A 114 17.88 -17.80 6.34
C ASP A 114 19.09 -16.96 6.81
N GLY A 115 18.87 -16.20 7.87
CA GLY A 115 19.90 -15.30 8.34
C GLY A 115 21.06 -16.02 8.95
N HIS A 116 20.86 -17.30 9.28
CA HIS A 116 21.92 -18.08 9.90
C HIS A 116 22.65 -19.00 8.94
N GLY A 117 22.36 -18.89 7.66
CA GLY A 117 22.97 -19.76 6.67
C GLY A 117 22.19 -21.05 6.42
N HIS A 118 21.07 -21.26 7.12
CA HIS A 118 20.36 -22.53 7.04
C HIS A 118 19.28 -22.45 6.02
N ASN A 119 18.88 -23.59 5.48
CA ASN A 119 17.76 -23.58 4.56
C ASN A 119 16.50 -22.93 5.15
N LYS A 120 15.96 -21.96 4.40
CA LYS A 120 14.77 -21.20 4.80
C LYS A 120 13.57 -22.08 4.88
N ILE A 121 13.54 -23.14 4.09
CA ILE A 121 12.33 -23.91 3.90
C ILE A 121 12.61 -25.40 4.04
N LYS A 122 11.90 -26.03 4.96
CA LYS A 122 12.10 -27.43 5.24
C LYS A 122 10.77 -28.10 5.33
N PRO A 123 10.74 -29.39 5.02
CA PRO A 123 9.56 -30.14 5.41
C PRO A 123 9.45 -30.13 6.94
N MET A 124 8.22 -30.05 7.46
CA MET A 124 7.98 -29.78 8.89
C MET A 124 8.60 -30.92 9.73
N LYS A 125 8.48 -32.16 9.20
CA LYS A 125 9.11 -33.34 9.82
C LYS A 125 10.59 -33.14 10.15
N ALA A 126 11.35 -32.44 9.34
CA ALA A 126 12.75 -32.13 9.67
C ALA A 126 12.95 -30.75 10.29
N ALA A 127 11.87 -30.09 10.68
CA ALA A 127 11.95 -28.77 11.27
C ALA A 127 11.56 -28.83 12.74
N ALA A 128 12.52 -28.56 13.61
CA ALA A 128 12.35 -28.84 15.05
C ALA A 128 12.10 -27.55 15.83
N GLY A 129 11.11 -27.53 16.72
CA GLY A 129 10.00 -28.45 16.76
C GLY A 129 8.82 -27.62 16.26
N PHE A 130 8.71 -27.60 14.94
CA PHE A 130 7.59 -26.96 14.30
C PHE A 130 6.44 -27.91 14.29
N HIS A 131 5.25 -27.31 14.35
CA HIS A 131 3.99 -28.03 14.36
C HIS A 131 2.88 -27.08 13.89
N VAL A 132 1.83 -27.68 13.37
CA VAL A 132 0.61 -26.92 13.16
C VAL A 132 0.16 -26.29 14.48
N SER A 133 -0.13 -25.00 14.46
CA SER A 133 -0.50 -24.27 15.68
C SER A 133 -1.97 -23.84 15.71
N ALA A 134 -2.64 -23.76 14.57
CA ALA A 134 -4.04 -23.31 14.49
C ALA A 134 -4.56 -23.60 13.10
N GLY A 135 -5.88 -23.69 12.93
CA GLY A 135 -6.48 -24.09 11.62
C GLY A 135 -6.40 -25.58 11.34
N LYS A 136 -7.11 -26.04 10.31
CA LYS A 136 -7.17 -27.47 10.02
C LYS A 136 -5.85 -27.95 9.53
N ASN A 137 -5.35 -29.04 10.12
CA ASN A 137 -4.06 -29.63 9.71
C ASN A 137 -4.31 -30.49 8.48
N PRO A 138 -3.72 -30.08 7.33
CA PRO A 138 -3.95 -30.73 6.03
C PRO A 138 -3.31 -32.11 5.92
N ILE A 139 -2.28 -32.35 6.76
CA ILE A 139 -1.50 -33.58 6.66
C ILE A 139 -2.44 -34.78 6.72
N GLY A 140 -2.31 -35.65 5.72
CA GLY A 140 -3.18 -36.82 5.65
C GLY A 140 -4.45 -36.66 4.83
N LEU A 141 -4.82 -35.43 4.48
CA LEU A 141 -5.98 -35.25 3.60
C LEU A 141 -5.73 -35.70 2.19
N PRO A 142 -6.74 -36.31 1.57
CA PRO A 142 -6.63 -36.55 0.14
C PRO A 142 -6.65 -35.23 -0.63
N VAL A 143 -5.89 -35.19 -1.72
CA VAL A 143 -5.87 -34.05 -2.62
C VAL A 143 -6.71 -34.24 -3.90
N ARG A 144 -7.54 -33.24 -4.21
CA ARG A 144 -8.43 -33.31 -5.35
C ARG A 144 -8.10 -32.23 -6.36
N GLY A 145 -8.10 -32.61 -7.65
CA GLY A 145 -7.83 -31.66 -8.74
C GLY A 145 -9.13 -31.13 -9.30
N CYS A 146 -9.04 -30.18 -10.22
CA CYS A 146 -10.23 -29.51 -10.76
C CYS A 146 -11.18 -30.42 -11.53
N ASP A 147 -10.70 -31.55 -12.00
CA ASP A 147 -11.56 -32.63 -12.55
C ASP A 147 -12.32 -33.40 -11.44
N LEU A 148 -12.14 -33.02 -10.18
CA LEU A 148 -12.76 -33.71 -9.03
C LEU A 148 -12.30 -35.16 -8.92
N GLU A 149 -11.05 -35.40 -9.32
CA GLU A 149 -10.40 -36.68 -9.07
C GLU A 149 -9.34 -36.48 -8.00
N ILE A 150 -9.11 -37.53 -7.22
CA ILE A 150 -8.13 -37.52 -6.17
C ILE A 150 -6.83 -37.75 -6.88
N ALA A 151 -5.85 -36.90 -6.62
CA ALA A 151 -4.57 -37.02 -7.26
C ALA A 151 -3.49 -37.48 -6.27
N GLY A 152 -3.83 -37.59 -5.00
CA GLY A 152 -2.81 -37.94 -4.00
C GLY A 152 -3.21 -37.69 -2.58
N LYS A 153 -2.21 -37.51 -1.71
CA LYS A 153 -2.46 -37.28 -0.29
C LYS A 153 -1.41 -36.39 0.34
N VAL A 154 -1.80 -35.62 1.32
CA VAL A 154 -0.81 -34.69 1.88
C VAL A 154 0.03 -35.45 2.86
N VAL A 155 1.34 -35.36 2.74
CA VAL A 155 2.23 -36.11 3.64
C VAL A 155 3.13 -35.24 4.51
N ASP A 156 3.36 -34.01 4.10
CA ASP A 156 3.92 -33.03 4.99
C ASP A 156 3.50 -31.64 4.53
N ILE A 157 3.97 -30.67 5.31
CA ILE A 157 3.91 -29.27 5.06
C ILE A 157 5.36 -28.79 5.00
N TRP A 158 5.73 -28.10 3.94
CA TRP A 158 7.02 -27.45 3.92
C TRP A 158 6.82 -26.07 4.50
N VAL A 159 7.68 -25.66 5.43
CA VAL A 159 7.47 -24.44 6.18
C VAL A 159 8.66 -23.54 6.10
N ASP A 160 8.42 -22.24 6.22
CA ASP A 160 9.44 -21.24 6.19
C ASP A 160 9.81 -21.07 7.64
N ILE A 161 11.06 -21.38 7.97
CA ILE A 161 11.48 -21.36 9.35
C ILE A 161 11.53 -19.94 9.92
N PRO A 162 12.23 -19.03 9.28
CA PRO A 162 12.41 -17.80 10.02
C PRO A 162 11.14 -16.96 10.15
N GLU A 163 10.21 -17.18 9.21
CA GLU A 163 8.97 -16.45 9.18
C GLU A 163 7.81 -17.30 9.76
N GLN A 164 8.07 -18.58 10.00
CA GLN A 164 7.12 -19.45 10.73
C GLN A 164 5.81 -19.41 10.03
N MET A 165 5.81 -19.82 8.78
CA MET A 165 4.60 -19.94 8.04
C MET A 165 4.73 -21.07 7.06
N ALA A 166 3.59 -21.56 6.60
CA ALA A 166 3.53 -22.68 5.67
C ALA A 166 3.71 -22.20 4.26
N ARG A 167 4.50 -22.90 3.45
CA ARG A 167 4.75 -22.50 2.07
C ARG A 167 4.37 -23.51 0.97
N PHE A 168 4.53 -24.82 1.21
CA PHE A 168 4.00 -25.84 0.30
C PHE A 168 3.36 -26.95 1.09
N LEU A 169 2.55 -27.73 0.39
CA LEU A 169 2.12 -29.00 0.86
C LEU A 169 2.85 -30.05 0.02
N GLU A 170 3.52 -30.99 0.69
CA GLU A 170 4.11 -32.13 0.00
C GLU A 170 3.01 -33.15 -0.24
N VAL A 171 2.87 -33.63 -1.47
CA VAL A 171 1.79 -34.55 -1.80
C VAL A 171 2.32 -35.82 -2.40
N GLU A 172 1.83 -36.97 -1.95
CA GLU A 172 2.28 -38.25 -2.48
C GLU A 172 1.30 -38.68 -3.58
N LEU A 173 1.84 -39.11 -4.72
CA LEU A 173 1.01 -39.47 -5.88
C LEU A 173 0.77 -40.96 -5.95
N LYS A 174 -0.03 -41.37 -6.94
CA LYS A 174 -0.41 -42.79 -7.07
C LYS A 174 0.85 -43.64 -7.02
N ASP A 175 1.93 -43.18 -7.67
CA ASP A 175 3.13 -43.99 -7.76
C ASP A 175 4.14 -43.91 -6.60
N GLY A 176 3.85 -43.13 -5.56
CA GLY A 176 4.70 -43.13 -4.37
C GLY A 176 5.74 -42.03 -4.23
N SER A 177 5.93 -41.23 -5.28
CA SER A 177 6.82 -40.06 -5.19
C SER A 177 5.94 -38.88 -4.77
N THR A 178 6.58 -37.78 -4.39
CA THR A 178 5.83 -36.62 -4.00
C THR A 178 6.07 -35.45 -4.90
N ARG A 179 5.21 -34.45 -4.73
CA ARG A 179 5.37 -33.14 -5.33
C ARG A 179 5.02 -32.08 -4.31
N LEU A 180 5.69 -30.94 -4.41
CA LEU A 180 5.29 -29.72 -3.71
C LEU A 180 4.14 -28.98 -4.45
N LEU A 181 3.12 -28.56 -3.71
CA LEU A 181 2.06 -27.70 -4.23
C LEU A 181 2.22 -26.44 -3.43
N PRO A 182 2.29 -25.28 -4.09
CA PRO A 182 2.30 -24.02 -3.33
C PRO A 182 1.06 -23.85 -2.40
N MET A 183 1.30 -23.39 -1.18
CA MET A 183 0.23 -23.23 -0.19
C MET A 183 -0.93 -22.41 -0.76
N GLN A 184 -0.58 -21.40 -1.54
CA GLN A 184 -1.48 -20.40 -2.06
C GLN A 184 -2.40 -20.83 -3.23
N MET A 185 -2.24 -22.07 -3.69
CA MET A 185 -3.02 -22.61 -4.79
C MET A 185 -3.84 -23.82 -4.38
N VAL A 186 -3.95 -24.02 -3.05
CA VAL A 186 -4.73 -25.11 -2.50
C VAL A 186 -5.71 -24.54 -1.53
N LYS A 187 -6.92 -25.10 -1.50
CA LYS A 187 -7.94 -24.73 -0.51
C LYS A 187 -8.12 -25.93 0.43
N VAL A 188 -7.72 -25.75 1.70
CA VAL A 188 -7.85 -26.79 2.71
C VAL A 188 -9.29 -26.80 3.15
N GLN A 189 -9.92 -27.97 3.10
CA GLN A 189 -11.33 -28.11 3.48
C GLN A 189 -11.33 -29.10 4.62
N SER A 190 -12.50 -29.43 5.15
CA SER A 190 -12.57 -30.25 6.36
C SER A 190 -12.16 -31.70 6.11
N ASN A 191 -12.44 -32.16 4.90
CA ASN A 191 -12.26 -33.57 4.56
C ASN A 191 -11.41 -33.80 3.30
N ARG A 192 -10.78 -32.74 2.80
CA ARG A 192 -9.91 -32.80 1.61
C ARG A 192 -9.18 -31.50 1.38
N VAL A 193 -8.12 -31.56 0.58
CA VAL A 193 -7.46 -30.36 0.08
C VAL A 193 -7.83 -30.27 -1.37
N HIS A 194 -8.30 -29.10 -1.82
CA HIS A 194 -8.74 -28.91 -3.21
C HIS A 194 -7.81 -27.98 -3.96
N VAL A 195 -7.54 -28.35 -5.21
CA VAL A 195 -6.63 -27.62 -6.06
C VAL A 195 -7.27 -27.33 -7.38
N ASN A 196 -7.79 -26.12 -7.55
CA ASN A 196 -8.44 -25.78 -8.80
C ASN A 196 -7.51 -25.70 -10.01
N ALA A 197 -6.31 -25.16 -9.83
CA ALA A 197 -5.45 -24.94 -11.00
C ALA A 197 -5.08 -26.22 -11.79
N LEU A 198 -5.11 -27.42 -11.18
CA LEU A 198 -4.70 -28.69 -11.86
C LEU A 198 -5.73 -29.84 -11.85
N SER A 199 -6.01 -30.36 -13.04
CA SER A 199 -6.67 -31.62 -13.16
C SER A 199 -5.71 -32.69 -12.60
N SER A 200 -6.29 -33.76 -12.07
CA SER A 200 -5.56 -34.82 -11.38
C SER A 200 -4.50 -35.51 -12.20
N ASP A 201 -4.74 -35.66 -13.49
CA ASP A 201 -3.76 -36.24 -14.42
C ASP A 201 -2.55 -35.35 -14.72
N LEU A 202 -2.53 -34.14 -14.18
CA LEU A 202 -1.47 -33.21 -14.44
C LEU A 202 -0.54 -33.07 -13.28
N PHE A 203 -0.82 -33.80 -12.20
CA PHE A 203 0.03 -33.77 -10.99
C PHE A 203 1.39 -34.40 -11.22
N ALA A 204 1.39 -35.58 -11.85
CA ALA A 204 2.63 -36.27 -12.18
C ALA A 204 3.58 -35.34 -12.93
N GLY A 205 3.00 -34.43 -13.71
CA GLY A 205 3.76 -33.48 -14.52
C GLY A 205 4.47 -32.43 -13.70
N ILE A 206 3.98 -32.16 -12.49
CA ILE A 206 4.63 -31.13 -11.66
C ILE A 206 6.13 -31.36 -11.55
N PRO A 207 6.95 -30.35 -11.83
CA PRO A 207 8.38 -30.57 -11.71
C PRO A 207 8.77 -31.08 -10.34
N THR A 208 9.76 -31.96 -10.30
CA THR A 208 10.25 -32.56 -9.06
C THR A 208 11.52 -31.88 -8.55
N ILE A 209 11.87 -32.18 -7.31
CA ILE A 209 13.03 -31.61 -6.61
C ILE A 209 14.18 -32.64 -6.52
N LYS A 210 15.42 -32.18 -6.66
CA LYS A 210 16.51 -33.12 -6.77
C LYS A 210 16.86 -33.77 -5.43
N SER A 211 16.88 -33.00 -4.34
CA SER A 211 17.04 -33.56 -2.96
C SER A 211 15.72 -33.43 -2.22
N PRO A 212 15.35 -34.43 -1.43
CA PRO A 212 13.96 -34.44 -0.97
C PRO A 212 13.73 -33.69 0.34
N THR A 213 14.77 -33.06 0.89
CA THR A 213 14.64 -32.21 2.10
C THR A 213 14.99 -30.76 1.87
N GLU A 214 15.09 -30.39 0.61
CA GLU A 214 15.29 -29.00 0.27
C GLU A 214 14.75 -28.70 -1.11
N VAL A 215 14.55 -27.41 -1.34
CA VAL A 215 14.07 -26.96 -2.60
C VAL A 215 14.80 -25.70 -2.99
N THR A 216 15.36 -25.71 -4.18
CA THR A 216 16.07 -24.58 -4.72
C THR A 216 15.16 -23.51 -5.36
N LEU A 217 15.66 -22.28 -5.43
CA LEU A 217 14.91 -21.16 -6.00
C LEU A 217 14.40 -21.50 -7.41
N LEU A 218 15.29 -22.11 -8.17
CA LEU A 218 15.01 -22.58 -9.50
C LEU A 218 13.84 -23.54 -9.51
N GLU A 219 13.89 -24.53 -8.60
CA GLU A 219 12.83 -25.55 -8.50
C GLU A 219 11.48 -24.95 -8.06
N GLU A 220 11.53 -23.98 -7.15
CA GLU A 220 10.33 -23.28 -6.70
C GLU A 220 9.72 -22.60 -7.88
N ASP A 221 10.55 -22.05 -8.76
CA ASP A 221 9.98 -21.31 -9.90
C ASP A 221 9.29 -22.24 -10.90
N LYS A 222 9.89 -23.40 -11.09
CA LYS A 222 9.36 -24.38 -12.01
C LYS A 222 8.01 -24.90 -11.53
N ILE A 223 7.91 -25.10 -10.23
CA ILE A 223 6.73 -25.66 -9.59
C ILE A 223 5.57 -24.66 -9.60
N CYS A 224 5.81 -23.48 -9.02
CA CYS A 224 4.81 -22.43 -8.94
C CYS A 224 4.34 -21.99 -10.35
N GLY A 225 5.34 -21.90 -11.27
CA GLY A 225 5.09 -21.71 -12.70
C GLY A 225 4.06 -22.70 -13.25
N TYR A 226 4.41 -23.98 -13.17
CA TYR A 226 3.60 -25.11 -13.60
C TYR A 226 2.17 -25.05 -12.99
N VAL A 227 2.08 -24.92 -11.67
CA VAL A 227 0.78 -25.01 -11.04
C VAL A 227 -0.13 -23.84 -11.49
N ALA A 228 0.38 -22.61 -11.48
CA ALA A 228 -0.37 -21.43 -11.97
C ALA A 228 -0.82 -21.59 -13.41
N GLY A 229 0.12 -22.05 -14.25
CA GLY A 229 -0.18 -22.28 -15.66
C GLY A 229 -1.39 -23.18 -15.84
N GLY A 230 -1.72 -23.95 -14.83
CA GLY A 230 -2.79 -24.92 -14.96
C GLY A 230 -4.12 -24.25 -15.13
N LEU A 231 -4.23 -23.01 -14.64
CA LEU A 231 -5.49 -22.27 -14.72
C LEU A 231 -5.86 -22.03 -16.17
N MET A 232 -4.91 -21.57 -16.95
CA MET A 232 -5.16 -21.43 -18.37
C MET A 232 -5.30 -22.80 -19.04
N TYR A 233 -4.29 -23.64 -18.86
CA TYR A 233 -4.06 -24.75 -19.81
C TYR A 233 -4.72 -26.05 -19.47
N ALA A 234 -5.33 -26.14 -18.28
CA ALA A 234 -6.20 -27.24 -17.95
C ALA A 234 -7.60 -26.71 -17.75
N ALA A 235 -7.98 -25.69 -18.53
CA ALA A 235 -9.38 -25.25 -18.65
C ALA A 235 -10.28 -26.31 -19.35
N PRO A 236 -9.73 -27.09 -20.32
CA PRO A 236 -10.54 -28.22 -20.85
C PRO A 236 -11.08 -29.23 -19.80
N LYS A 237 -10.34 -29.44 -18.70
CA LYS A 237 -10.64 -30.50 -17.70
C LYS A 237 -11.36 -29.98 -16.43
N ARG A 238 -11.36 -28.64 -16.25
CA ARG A 238 -12.21 -27.90 -15.31
C ARG A 238 -13.45 -27.44 -16.09
N LYS A 239 -14.71 -27.60 -15.65
CA LYS A 239 -15.24 -28.32 -14.46
C LYS A 239 -15.18 -27.54 -13.12
N SER A 240 -16.25 -26.78 -12.83
CA SER A 240 -16.43 -26.15 -11.50
C SER A 240 -17.89 -25.69 -11.30
N VAL A 241 -18.08 -24.53 -10.67
N ALA B 1 8.17 -3.01 -28.32
CA ALA B 1 9.46 -3.36 -27.64
C ALA B 1 9.17 -3.99 -26.29
N LEU B 2 10.03 -4.95 -25.96
CA LEU B 2 9.78 -5.91 -24.92
C LEU B 2 10.83 -5.74 -23.90
N LEU B 3 10.46 -5.90 -22.64
CA LEU B 3 11.46 -6.14 -21.63
C LEU B 3 12.20 -7.46 -21.96
N SER B 4 13.45 -7.56 -21.50
CA SER B 4 14.29 -8.75 -21.74
C SER B 4 13.59 -10.09 -21.44
N PHE B 5 12.74 -10.11 -20.44
CA PHE B 5 12.05 -11.34 -20.05
C PHE B 5 10.59 -11.48 -20.54
N GLU B 6 10.14 -10.54 -21.34
CA GLU B 6 8.71 -10.47 -21.64
C GLU B 6 8.15 -11.54 -22.62
N ARG B 7 8.94 -11.96 -23.58
CA ARG B 7 8.36 -12.72 -24.69
C ARG B 7 7.65 -14.00 -24.23
N LYS B 8 8.30 -14.73 -23.32
CA LYS B 8 7.77 -16.01 -22.90
C LYS B 8 6.36 -15.90 -22.35
N TYR B 9 5.99 -14.69 -21.89
CA TYR B 9 4.67 -14.51 -21.31
C TYR B 9 3.65 -14.07 -22.32
N ARG B 10 4.08 -13.47 -23.44
CA ARG B 10 3.13 -13.00 -24.46
C ARG B 10 2.49 -14.11 -25.26
N VAL B 11 1.80 -15.03 -24.59
CA VAL B 11 1.08 -16.11 -25.25
C VAL B 11 -0.38 -15.69 -25.49
N PRO B 12 -1.08 -16.37 -26.43
CA PRO B 12 -2.51 -16.21 -26.54
C PRO B 12 -3.27 -16.80 -25.34
N GLY B 13 -4.33 -16.11 -24.92
CA GLY B 13 -5.21 -16.63 -23.86
C GLY B 13 -5.63 -15.57 -22.86
N GLY B 14 -6.68 -15.90 -22.12
CA GLY B 14 -7.13 -15.12 -20.97
C GLY B 14 -8.13 -14.02 -21.22
N THR B 15 -8.42 -13.70 -22.47
CA THR B 15 -9.50 -12.75 -22.76
C THR B 15 -10.87 -13.23 -22.21
N LEU B 16 -11.71 -12.29 -21.81
CA LEU B 16 -13.06 -12.64 -21.35
C LEU B 16 -14.06 -12.57 -22.47
N VAL B 17 -13.88 -11.62 -23.39
CA VAL B 17 -14.73 -11.48 -24.56
C VAL B 17 -13.87 -11.35 -25.80
N GLY B 18 -14.40 -11.84 -26.91
CA GLY B 18 -13.84 -11.57 -28.21
C GLY B 18 -12.79 -12.56 -28.63
N GLY B 19 -12.62 -13.63 -27.83
CA GLY B 19 -11.58 -14.63 -28.09
C GLY B 19 -10.25 -14.01 -28.52
N ASN B 20 -9.80 -14.32 -29.73
CA ASN B 20 -8.47 -13.88 -30.18
C ASN B 20 -8.51 -12.57 -30.93
N LEU B 21 -9.66 -11.92 -30.93
CA LEU B 21 -9.94 -10.90 -31.91
C LEU B 21 -9.20 -9.65 -31.58
N PHE B 22 -9.20 -9.27 -30.31
CA PHE B 22 -8.41 -8.11 -29.86
C PHE B 22 -7.22 -8.50 -28.99
N ASP B 23 -6.88 -9.78 -29.00
CA ASP B 23 -5.79 -10.33 -28.20
C ASP B 23 -4.44 -9.94 -28.83
N PHE B 24 -3.94 -8.78 -28.47
CA PHE B 24 -2.63 -8.36 -28.92
C PHE B 24 -2.15 -7.06 -28.22
N TRP B 25 -0.91 -6.65 -28.44
CA TRP B 25 -0.41 -5.44 -27.81
C TRP B 25 -0.27 -4.31 -28.83
N VAL B 26 -0.24 -3.09 -28.32
CA VAL B 26 0.17 -1.91 -29.06
C VAL B 26 1.29 -1.34 -28.21
N GLY B 27 2.53 -1.55 -28.62
CA GLY B 27 3.65 -1.14 -27.79
C GLY B 27 3.76 -2.03 -26.58
N PRO B 28 3.85 -1.45 -25.36
CA PRO B 28 3.78 -2.23 -24.14
C PRO B 28 2.36 -2.48 -23.68
N PHE B 29 1.38 -1.78 -24.24
CA PHE B 29 -0.01 -1.88 -23.74
C PHE B 29 -0.75 -3.12 -24.28
N TYR B 30 -1.29 -3.93 -23.38
CA TYR B 30 -2.21 -4.96 -23.85
C TYR B 30 -3.51 -4.26 -24.30
N VAL B 31 -4.13 -4.77 -25.36
CA VAL B 31 -5.42 -4.26 -25.80
C VAL B 31 -6.56 -5.06 -25.23
N GLY B 32 -7.05 -6.05 -25.97
CA GLY B 32 -8.22 -6.81 -25.56
C GLY B 32 -9.49 -6.02 -25.76
N PHE B 33 -10.63 -6.72 -25.66
CA PHE B 33 -11.92 -6.08 -25.86
C PHE B 33 -12.04 -4.85 -24.98
N PHE B 34 -11.74 -5.03 -23.69
CA PHE B 34 -11.81 -3.92 -22.72
C PHE B 34 -10.75 -2.82 -22.91
N GLY B 35 -9.64 -3.11 -23.54
CA GLY B 35 -8.78 -2.04 -24.03
C GLY B 35 -9.39 -1.17 -25.13
N VAL B 36 -10.18 -1.78 -26.03
CA VAL B 36 -10.92 -1.03 -27.04
C VAL B 36 -12.01 -0.21 -26.36
N ALA B 37 -12.85 -0.87 -25.56
CA ALA B 37 -13.88 -0.22 -24.77
C ALA B 37 -13.30 1.03 -24.09
N THR B 38 -12.25 0.82 -23.33
CA THR B 38 -11.68 1.90 -22.55
C THR B 38 -11.35 3.04 -23.47
N PHE B 39 -10.63 2.75 -24.54
CA PHE B 39 -10.28 3.79 -25.49
C PHE B 39 -11.51 4.57 -25.91
N PHE B 40 -12.53 3.83 -26.34
CA PHE B 40 -13.75 4.42 -26.86
C PHE B 40 -14.37 5.38 -25.85
N PHE B 41 -14.64 4.89 -24.65
CA PHE B 41 -15.16 5.72 -23.56
C PHE B 41 -14.30 6.94 -23.21
N ALA B 42 -13.00 6.72 -23.12
CA ALA B 42 -12.14 7.79 -22.68
C ALA B 42 -12.04 8.79 -23.79
N ALA B 43 -12.05 8.32 -25.03
CA ALA B 43 -11.92 9.22 -26.20
C ALA B 43 -13.14 10.11 -26.23
N LEU B 44 -14.30 9.47 -26.16
CA LEU B 44 -15.55 10.22 -26.16
C LEU B 44 -15.55 11.27 -25.05
N GLY B 45 -15.45 10.82 -23.81
CA GLY B 45 -15.43 11.73 -22.68
C GLY B 45 -14.49 12.91 -22.84
N ILE B 46 -13.31 12.70 -23.37
CA ILE B 46 -12.34 13.78 -23.50
C ILE B 46 -12.84 14.71 -24.62
N ILE B 47 -13.30 14.14 -25.72
CA ILE B 47 -13.93 14.93 -26.76
C ILE B 47 -15.00 15.86 -26.17
N LEU B 48 -15.97 15.26 -25.48
CA LEU B 48 -17.06 16.03 -24.88
C LEU B 48 -16.60 17.07 -23.88
N ILE B 49 -15.51 16.81 -23.20
CA ILE B 49 -14.96 17.76 -22.24
C ILE B 49 -14.39 18.94 -23.01
N ALA B 50 -13.60 18.66 -24.04
CA ALA B 50 -13.10 19.69 -24.95
C ALA B 50 -14.25 20.47 -25.62
N TRP B 51 -15.45 19.88 -25.70
CA TRP B 51 -16.60 20.58 -26.24
C TRP B 51 -17.07 21.54 -25.19
N SER B 52 -17.56 21.01 -24.06
CA SER B 52 -17.87 21.80 -22.86
C SER B 52 -16.89 22.99 -22.66
N ALA B 53 -15.62 22.80 -22.98
CA ALA B 53 -14.61 23.86 -22.87
C ALA B 53 -14.69 24.84 -24.05
N VAL B 54 -15.80 24.78 -24.77
CA VAL B 54 -16.07 25.68 -25.88
C VAL B 54 -17.45 26.31 -25.65
N LEU B 55 -18.45 25.47 -25.36
CA LEU B 55 -19.77 25.91 -24.83
C LEU B 55 -19.75 26.68 -23.48
N GLN B 56 -18.60 26.71 -22.81
CA GLN B 56 -18.33 27.61 -21.67
C GLN B 56 -17.33 28.70 -22.10
N GLY B 57 -16.42 28.36 -23.02
CA GLY B 57 -15.63 29.33 -23.74
C GLY B 57 -14.25 29.54 -23.17
N THR B 58 -13.51 28.45 -22.91
CA THR B 58 -12.07 28.54 -22.53
C THR B 58 -11.20 27.29 -22.80
N TRP B 59 -9.91 27.55 -23.02
CA TRP B 59 -8.88 26.51 -23.21
C TRP B 59 -7.79 26.65 -22.16
N ASN B 60 -8.16 27.08 -20.95
CA ASN B 60 -7.23 26.98 -19.84
C ASN B 60 -7.62 25.82 -18.91
N PRO B 61 -6.63 24.95 -18.62
CA PRO B 61 -6.81 23.82 -17.73
C PRO B 61 -7.20 24.22 -16.32
N GLN B 62 -6.77 25.40 -15.87
CA GLN B 62 -7.15 25.92 -14.55
C GLN B 62 -8.55 26.54 -14.51
N LEU B 63 -9.26 26.54 -15.63
CA LEU B 63 -10.62 27.12 -15.68
C LEU B 63 -11.69 26.19 -16.19
N ILE B 64 -11.32 25.32 -17.12
CA ILE B 64 -12.30 24.41 -17.70
C ILE B 64 -13.06 23.71 -16.59
N SER B 65 -14.36 23.62 -16.75
CA SER B 65 -15.16 22.97 -15.74
C SER B 65 -16.50 22.52 -16.30
N VAL B 66 -16.91 21.31 -15.98
CA VAL B 66 -18.13 20.73 -16.48
C VAL B 66 -19.06 20.49 -15.32
N TYR B 67 -20.16 21.24 -15.25
CA TYR B 67 -21.01 21.17 -14.07
C TYR B 67 -22.20 20.27 -14.25
N PRO B 68 -22.63 19.62 -13.16
CA PRO B 68 -23.81 18.80 -13.34
C PRO B 68 -25.05 19.67 -13.57
N PRO B 69 -26.14 19.03 -14.00
CA PRO B 69 -27.46 19.62 -13.94
C PRO B 69 -27.73 20.29 -12.60
N ALA B 70 -28.19 21.54 -12.68
CA ALA B 70 -28.78 22.27 -11.57
C ALA B 70 -29.89 21.47 -10.86
N LEU B 71 -30.09 21.77 -9.58
CA LEU B 71 -30.91 20.91 -8.71
C LEU B 71 -32.39 20.81 -9.11
N GLU B 72 -32.85 21.85 -9.79
CA GLU B 72 -34.19 21.90 -10.36
C GLU B 72 -34.42 20.75 -11.35
N TYR B 73 -33.36 20.29 -12.03
CA TYR B 73 -33.50 19.24 -13.05
C TYR B 73 -33.75 17.87 -12.48
N GLY B 74 -33.58 17.70 -11.16
CA GLY B 74 -33.85 16.43 -10.50
C GLY B 74 -32.94 15.34 -11.01
N LEU B 75 -33.53 14.17 -11.28
CA LEU B 75 -32.79 13.04 -11.84
C LEU B 75 -33.00 12.94 -13.35
N GLY B 76 -33.72 13.87 -13.95
CA GLY B 76 -34.00 13.82 -15.37
C GLY B 76 -32.79 14.31 -16.13
N GLY B 77 -32.85 14.28 -17.45
CA GLY B 77 -31.75 14.73 -18.28
C GLY B 77 -31.74 16.24 -18.35
N ALA B 78 -30.75 16.78 -19.04
CA ALA B 78 -30.57 18.21 -19.06
C ALA B 78 -29.79 18.62 -20.29
N PRO B 79 -30.14 19.76 -20.90
CA PRO B 79 -29.48 20.13 -22.13
C PRO B 79 -27.96 20.12 -21.97
N LEU B 80 -27.28 19.66 -23.00
CA LEU B 80 -25.84 19.55 -23.01
C LEU B 80 -25.11 20.69 -22.28
N ALA B 81 -25.45 21.93 -22.64
CA ALA B 81 -24.71 23.08 -22.14
C ALA B 81 -25.02 23.37 -20.66
N LYS B 82 -26.08 22.76 -20.14
CA LYS B 82 -26.55 22.95 -18.78
C LYS B 82 -26.50 21.64 -17.97
N GLY B 83 -25.48 20.82 -18.28
CA GLY B 83 -25.20 19.58 -17.52
C GLY B 83 -25.54 18.26 -18.16
N GLY B 84 -25.85 18.24 -19.46
CA GLY B 84 -26.06 16.97 -20.18
C GLY B 84 -24.69 16.40 -20.50
N LEU B 85 -23.77 17.27 -20.91
CA LEU B 85 -22.42 16.86 -21.17
C LEU B 85 -21.87 16.16 -19.96
N TRP B 86 -22.03 16.80 -18.81
CA TRP B 86 -21.57 16.19 -17.61
C TRP B 86 -22.18 14.84 -17.46
N GLN B 87 -23.48 14.79 -17.65
CA GLN B 87 -24.22 13.55 -17.52
C GLN B 87 -23.60 12.44 -18.38
N ILE B 88 -23.27 12.76 -19.62
CA ILE B 88 -22.69 11.79 -20.56
C ILE B 88 -21.22 11.47 -20.25
N ILE B 89 -20.46 12.50 -19.92
CA ILE B 89 -19.09 12.32 -19.50
C ILE B 89 -18.99 11.40 -18.26
N THR B 90 -19.97 11.49 -17.38
CA THR B 90 -20.00 10.66 -16.19
C THR B 90 -20.28 9.23 -16.59
N ILE B 91 -21.10 9.04 -17.60
CA ILE B 91 -21.32 7.71 -18.12
C ILE B 91 -20.03 7.20 -18.80
N CYS B 92 -19.41 8.05 -19.59
CA CYS B 92 -18.17 7.71 -20.23
C CYS B 92 -17.07 7.32 -19.24
N ALA B 93 -17.00 8.02 -18.13
CA ALA B 93 -15.92 7.80 -17.19
C ALA B 93 -16.15 6.47 -16.51
N THR B 94 -17.39 6.22 -16.12
CA THR B 94 -17.74 4.94 -15.55
C THR B 94 -17.44 3.81 -16.52
N GLY B 95 -17.64 4.08 -17.80
CA GLY B 95 -17.42 3.08 -18.84
C GLY B 95 -15.94 2.79 -18.94
N ALA B 96 -15.15 3.84 -18.83
CA ALA B 96 -13.72 3.74 -19.00
C ALA B 96 -13.09 3.05 -17.82
N PHE B 97 -13.70 3.21 -16.64
CA PHE B 97 -13.07 2.71 -15.44
C PHE B 97 -13.33 1.24 -15.36
N VAL B 98 -14.59 0.89 -15.51
CA VAL B 98 -15.03 -0.49 -15.41
C VAL B 98 -14.36 -1.29 -16.52
N SER B 99 -14.23 -0.67 -17.70
CA SER B 99 -13.49 -1.33 -18.77
C SER B 99 -12.04 -1.58 -18.34
N TRP B 100 -11.40 -0.56 -17.79
CA TRP B 100 -10.01 -0.68 -17.26
C TRP B 100 -9.90 -1.79 -16.24
N ALA B 101 -10.87 -1.87 -15.34
CA ALA B 101 -10.87 -2.94 -14.41
C ALA B 101 -10.98 -4.28 -15.10
N LEU B 102 -11.90 -4.45 -16.06
CA LEU B 102 -12.06 -5.77 -16.71
C LEU B 102 -10.87 -6.15 -17.58
N ARG B 103 -10.22 -5.14 -18.14
CA ARG B 103 -8.98 -5.34 -18.87
C ARG B 103 -7.88 -5.83 -17.93
N GLU B 104 -7.84 -5.28 -16.72
CA GLU B 104 -6.89 -5.76 -15.71
C GLU B 104 -7.11 -7.25 -15.42
N VAL B 105 -8.36 -7.67 -15.41
CA VAL B 105 -8.72 -9.05 -15.21
C VAL B 105 -8.15 -9.90 -16.34
N GLU B 106 -8.37 -9.48 -17.58
CA GLU B 106 -7.80 -10.20 -18.73
C GLU B 106 -6.26 -10.37 -18.63
N ILE B 107 -5.57 -9.38 -18.12
CA ILE B 107 -4.13 -9.43 -18.05
C ILE B 107 -3.74 -10.43 -16.99
N CYS B 108 -4.35 -10.31 -15.82
CA CYS B 108 -4.24 -11.32 -14.80
C CYS B 108 -4.33 -12.71 -15.36
N ARG B 109 -5.33 -12.94 -16.19
CA ARG B 109 -5.58 -14.28 -16.67
C ARG B 109 -4.46 -14.75 -17.59
N LYS B 110 -4.00 -13.88 -18.46
CA LYS B 110 -2.89 -14.24 -19.34
C LYS B 110 -1.59 -14.49 -18.52
N LEU B 111 -1.44 -13.83 -17.36
CA LEU B 111 -0.22 -13.94 -16.56
C LEU B 111 -0.27 -15.00 -15.46
N GLY B 112 -1.43 -15.64 -15.32
CA GLY B 112 -1.66 -16.61 -14.25
C GLY B 112 -1.48 -16.07 -12.84
N ILE B 113 -1.78 -14.79 -12.61
CA ILE B 113 -1.81 -14.25 -11.24
C ILE B 113 -3.25 -14.19 -10.66
N GLY B 114 -3.30 -13.79 -9.38
CA GLY B 114 -4.55 -13.51 -8.68
C GLY B 114 -5.17 -12.22 -9.18
N TYR B 115 -6.43 -12.01 -8.81
CA TYR B 115 -7.13 -10.83 -9.29
C TYR B 115 -7.12 -9.67 -8.32
N HIS B 116 -6.09 -9.56 -7.48
CA HIS B 116 -6.20 -8.72 -6.29
C HIS B 116 -6.15 -7.29 -6.67
N ILE B 117 -5.41 -6.99 -7.74
CA ILE B 117 -5.28 -5.59 -8.18
C ILE B 117 -6.62 -4.95 -8.60
N PRO B 118 -7.28 -5.46 -9.66
CA PRO B 118 -8.59 -4.94 -10.13
C PRO B 118 -9.72 -5.07 -9.11
N PHE B 119 -9.58 -5.99 -8.20
CA PHE B 119 -10.49 -6.04 -7.08
C PHE B 119 -10.30 -4.76 -6.22
N ALA B 120 -9.05 -4.39 -5.96
CA ALA B 120 -8.72 -3.18 -5.22
C ALA B 120 -9.13 -1.94 -5.99
N PHE B 121 -8.97 -1.96 -7.31
CA PHE B 121 -9.24 -0.77 -8.09
C PHE B 121 -10.71 -0.51 -7.92
N ALA B 122 -11.47 -1.58 -7.81
CA ALA B 122 -12.90 -1.48 -7.73
C ALA B 122 -13.32 -0.58 -6.59
N PHE B 123 -12.50 -0.51 -5.56
CA PHE B 123 -12.87 0.31 -4.40
C PHE B 123 -12.72 1.79 -4.71
N ALA B 124 -11.70 2.19 -5.45
CA ALA B 124 -11.71 3.58 -5.92
C ALA B 124 -12.95 3.85 -6.79
N ILE B 125 -13.28 2.97 -7.71
CA ILE B 125 -14.43 3.16 -8.57
C ILE B 125 -15.72 3.31 -7.75
N LEU B 126 -15.90 2.52 -6.70
CA LEU B 126 -17.13 2.66 -5.92
C LEU B 126 -17.15 4.02 -5.24
N ALA B 127 -15.98 4.52 -4.84
CA ALA B 127 -15.90 5.84 -4.27
C ALA B 127 -16.42 6.84 -5.29
N TYR B 128 -15.81 6.89 -6.45
CA TYR B 128 -16.33 7.73 -7.54
C TYR B 128 -17.85 7.59 -7.71
N LEU B 129 -18.36 6.39 -7.86
CA LEU B 129 -19.82 6.24 -8.04
C LEU B 129 -20.65 6.75 -6.85
N THR B 130 -20.13 6.67 -5.64
CA THR B 130 -20.82 7.25 -4.52
C THR B 130 -20.99 8.76 -4.76
N LEU B 131 -19.91 9.44 -5.10
CA LEU B 131 -20.02 10.88 -5.28
C LEU B 131 -20.90 11.30 -6.45
N VAL B 132 -20.96 10.51 -7.51
CA VAL B 132 -21.67 11.01 -8.66
C VAL B 132 -22.92 10.26 -9.02
N LEU B 133 -23.17 9.12 -8.37
CA LEU B 133 -24.31 8.32 -8.74
C LEU B 133 -25.11 7.98 -7.51
N PHE B 134 -24.54 7.24 -6.56
CA PHE B 134 -25.37 6.74 -5.46
C PHE B 134 -25.80 7.82 -4.50
N ARG B 135 -24.93 8.76 -4.17
CA ARG B 135 -25.35 9.89 -3.32
C ARG B 135 -26.40 10.75 -4.04
N PRO B 136 -26.07 11.35 -5.19
CA PRO B 136 -26.99 12.19 -5.94
C PRO B 136 -28.33 11.61 -6.16
N VAL B 137 -28.37 10.32 -6.50
CA VAL B 137 -29.61 9.60 -6.78
C VAL B 137 -30.44 9.51 -5.51
N MET B 138 -29.82 9.11 -4.42
CA MET B 138 -30.53 9.05 -3.16
C MET B 138 -30.89 10.40 -2.59
N MET B 139 -30.24 11.46 -3.05
CA MET B 139 -30.61 12.79 -2.60
C MET B 139 -31.59 13.46 -3.53
N GLY B 140 -31.70 12.93 -4.74
CA GLY B 140 -32.71 13.33 -5.71
C GLY B 140 -32.21 14.18 -6.88
N ALA B 141 -30.91 14.46 -6.97
CA ALA B 141 -30.44 15.25 -8.12
C ALA B 141 -28.97 15.12 -8.44
N TRP B 142 -28.71 15.11 -9.75
CA TRP B 142 -27.37 15.17 -10.29
C TRP B 142 -26.61 16.37 -9.76
N GLY B 143 -27.34 17.46 -9.47
CA GLY B 143 -26.74 18.66 -8.90
C GLY B 143 -25.96 18.48 -7.63
N TYR B 144 -26.30 17.50 -6.79
CA TYR B 144 -25.50 17.21 -5.57
C TYR B 144 -24.11 16.63 -5.84
N ALA B 145 -23.89 16.11 -7.04
CA ALA B 145 -22.59 15.61 -7.43
C ALA B 145 -21.56 16.72 -7.61
N PHE B 146 -20.29 16.30 -7.73
CA PHE B 146 -19.21 17.25 -7.88
C PHE B 146 -18.97 17.48 -9.36
N PRO B 147 -18.37 18.64 -9.71
CA PRO B 147 -18.15 18.96 -11.09
C PRO B 147 -16.72 18.67 -11.54
N TYR B 148 -16.54 18.55 -12.86
CA TYR B 148 -15.28 18.17 -13.40
C TYR B 148 -14.50 19.44 -13.74
N GLY B 149 -13.80 19.90 -12.72
CA GLY B 149 -12.80 20.94 -12.90
C GLY B 149 -11.81 20.84 -11.76
N ILE B 150 -10.60 21.29 -12.03
CA ILE B 150 -9.49 21.17 -11.13
C ILE B 150 -9.77 21.93 -9.86
N TRP B 151 -9.89 23.24 -9.98
CA TRP B 151 -10.13 24.04 -8.80
C TRP B 151 -11.58 24.07 -8.39
N THR B 152 -12.49 23.81 -9.32
CA THR B 152 -13.91 23.87 -8.97
C THR B 152 -14.37 22.68 -8.16
N HIS B 153 -13.75 21.51 -8.33
CA HIS B 153 -14.18 20.35 -7.56
C HIS B 153 -13.76 20.55 -6.10
N LEU B 154 -12.68 21.31 -5.90
CA LEU B 154 -12.29 21.72 -4.56
C LEU B 154 -13.32 22.61 -3.88
N ASP B 155 -13.80 23.63 -4.59
CA ASP B 155 -14.92 24.40 -4.03
C ASP B 155 -16.06 23.46 -3.58
N TRP B 156 -16.49 22.53 -4.45
CA TRP B 156 -17.56 21.58 -4.07
C TRP B 156 -17.25 20.84 -2.79
N VAL B 157 -16.00 20.49 -2.64
CA VAL B 157 -15.63 19.82 -1.44
C VAL B 157 -15.84 20.76 -0.27
N SER B 158 -15.36 21.99 -0.40
CA SER B 158 -15.51 22.92 0.69
C SER B 158 -17.00 23.21 0.99
N ASN B 159 -17.81 23.52 -0.01
CA ASN B 159 -19.19 23.85 0.30
C ASN B 159 -19.89 22.67 0.92
N THR B 160 -19.70 21.51 0.32
CA THR B 160 -20.37 20.32 0.79
C THR B 160 -19.97 20.04 2.22
N GLY B 161 -18.69 20.26 2.53
CA GLY B 161 -18.25 20.02 3.89
C GLY B 161 -18.96 20.95 4.84
N TYR B 162 -18.84 22.24 4.57
CA TYR B 162 -19.27 23.25 5.53
C TYR B 162 -20.77 23.31 5.65
N THR B 163 -21.51 22.86 4.64
CA THR B 163 -22.93 22.60 4.81
C THR B 163 -23.27 21.84 6.07
N TYR B 164 -22.37 21.02 6.61
CA TYR B 164 -22.69 20.24 7.80
C TYR B 164 -21.82 20.69 8.92
N GLY B 165 -21.44 21.97 8.89
CA GLY B 165 -20.55 22.53 9.90
C GLY B 165 -19.10 22.14 9.60
N ASN B 166 -18.32 21.94 10.66
CA ASN B 166 -16.97 21.36 10.47
C ASN B 166 -17.09 19.85 10.26
N PHE B 167 -16.77 19.41 9.03
CA PHE B 167 -17.03 18.03 8.59
C PHE B 167 -16.15 17.00 9.32
N HIS B 168 -15.14 17.49 10.01
CA HIS B 168 -14.33 16.68 10.86
C HIS B 168 -15.13 15.78 11.77
N TYR B 169 -16.34 16.21 12.16
CA TYR B 169 -17.09 15.52 13.23
C TYR B 169 -17.98 14.39 12.66
N ASN B 170 -17.90 14.18 11.35
CA ASN B 170 -18.47 12.99 10.72
C ASN B 170 -17.61 11.79 11.19
N PRO B 171 -18.18 10.88 11.99
CA PRO B 171 -17.41 9.74 12.55
C PRO B 171 -16.76 8.78 11.55
N ALA B 172 -17.46 8.48 10.47
CA ALA B 172 -16.88 7.68 9.40
C ALA B 172 -15.69 8.41 8.75
N HIS B 173 -15.79 9.72 8.63
CA HIS B 173 -14.70 10.58 8.13
C HIS B 173 -13.50 10.46 9.05
N MET B 174 -13.71 10.39 10.35
CA MET B 174 -12.61 10.27 11.30
C MET B 174 -11.88 8.94 11.14
N ILE B 175 -12.69 7.88 10.95
CA ILE B 175 -12.18 6.55 10.72
C ILE B 175 -11.45 6.49 9.39
N ALA B 176 -12.03 7.04 8.34
CA ALA B 176 -11.36 7.04 7.04
C ALA B 176 -9.98 7.70 7.14
N ILE B 177 -9.95 8.87 7.74
CA ILE B 177 -8.74 9.61 7.89
C ILE B 177 -7.70 8.83 8.71
N SER B 178 -8.16 8.05 9.67
CA SER B 178 -7.24 7.22 10.44
C SER B 178 -6.55 6.20 9.51
N PHE B 179 -7.34 5.49 8.73
CA PHE B 179 -6.79 4.63 7.70
C PHE B 179 -5.84 5.36 6.73
N PHE B 180 -6.25 6.44 6.06
CA PHE B 180 -5.31 7.18 5.21
C PHE B 180 -3.98 7.52 5.88
N PHE B 181 -4.06 7.95 7.12
CA PHE B 181 -2.85 8.37 7.81
C PHE B 181 -1.96 7.16 8.13
N THR B 182 -2.57 6.17 8.73
CA THR B 182 -1.93 4.90 8.98
C THR B 182 -1.33 4.27 7.73
N ASN B 183 -2.07 4.32 6.63
CA ASN B 183 -1.60 3.76 5.40
C ASN B 183 -0.31 4.41 4.97
N ALA B 184 -0.27 5.73 5.05
CA ALA B 184 0.93 6.48 4.71
C ALA B 184 2.09 6.13 5.64
N LEU B 185 1.81 6.00 6.92
CA LEU B 185 2.84 5.55 7.82
C LEU B 185 3.28 4.13 7.42
N ALA B 186 2.34 3.19 7.23
CA ALA B 186 2.71 1.83 6.82
C ALA B 186 3.50 1.76 5.49
N LEU B 187 3.14 2.60 4.53
CA LEU B 187 3.82 2.61 3.27
C LEU B 187 5.23 3.08 3.54
N ALA B 188 5.37 4.20 4.23
CA ALA B 188 6.72 4.70 4.56
C ALA B 188 7.58 3.64 5.21
N LEU B 189 7.03 2.96 6.22
CA LEU B 189 7.82 1.96 6.98
C LEU B 189 8.21 0.81 6.12
N HIS B 190 7.26 0.33 5.31
CA HIS B 190 7.52 -0.83 4.49
C HIS B 190 8.62 -0.53 3.53
N GLY B 191 8.50 0.63 2.92
CA GLY B 191 9.43 1.05 1.90
C GLY B 191 10.81 1.12 2.47
N ALA B 192 10.90 1.65 3.69
CA ALA B 192 12.19 1.91 4.31
C ALA B 192 12.78 0.61 4.82
N LEU B 193 11.95 -0.25 5.41
CA LEU B 193 12.45 -1.58 5.84
C LEU B 193 13.05 -2.44 4.72
N VAL B 194 12.27 -2.74 3.69
CA VAL B 194 12.77 -3.47 2.55
C VAL B 194 14.08 -2.87 2.08
N LEU B 195 14.20 -1.53 2.07
CA LEU B 195 15.39 -0.89 1.50
C LEU B 195 16.58 -0.82 2.46
N SER B 196 16.32 -0.74 3.75
CA SER B 196 17.40 -0.70 4.73
C SER B 196 18.06 -2.09 4.79
N ALA B 197 17.29 -3.11 4.37
CA ALA B 197 17.76 -4.48 4.28
C ALA B 197 18.49 -4.73 2.96
N ALA B 198 17.93 -4.26 1.86
CA ALA B 198 18.57 -4.44 0.55
C ALA B 198 19.76 -3.54 0.32
N ASN B 199 19.89 -2.48 1.13
CA ASN B 199 20.97 -1.51 1.00
C ASN B 199 21.49 -1.20 2.38
N PRO B 200 22.32 -2.09 2.92
CA PRO B 200 22.85 -1.92 4.27
C PRO B 200 24.00 -0.92 4.31
N GLU B 201 24.69 -0.84 5.47
CA GLU B 201 25.83 0.08 5.60
C GLU B 201 26.95 -0.33 4.61
N LYS B 202 27.79 0.63 4.19
CA LYS B 202 28.81 0.42 3.08
C LYS B 202 29.62 -0.82 3.34
N GLY B 203 29.69 -1.71 2.36
CA GLY B 203 30.51 -2.93 2.49
C GLY B 203 29.87 -4.13 3.19
N LYS B 204 28.76 -3.92 3.89
CA LYS B 204 28.06 -5.05 4.50
C LYS B 204 27.20 -5.80 3.44
N GLU B 205 26.78 -7.00 3.80
CA GLU B 205 26.04 -7.84 2.90
C GLU B 205 24.56 -7.51 3.07
N MET B 206 23.78 -7.76 2.02
CA MET B 206 22.35 -7.62 2.16
C MET B 206 21.92 -8.31 3.44
N ARG B 207 21.12 -7.62 4.23
CA ARG B 207 20.39 -8.21 5.31
C ARG B 207 19.25 -9.10 4.75
N THR B 208 18.44 -9.65 5.65
CA THR B 208 17.50 -10.75 5.36
C THR B 208 16.16 -10.42 5.99
N PRO B 209 15.12 -11.19 5.65
CA PRO B 209 13.87 -10.99 6.33
C PRO B 209 14.07 -11.14 7.79
N ASP B 210 15.03 -11.95 8.20
CA ASP B 210 15.25 -12.23 9.61
C ASP B 210 15.65 -10.89 10.29
N HIS B 211 16.53 -10.13 9.63
CA HIS B 211 16.88 -8.79 10.10
C HIS B 211 15.68 -7.83 10.16
N GLU B 212 14.71 -8.04 9.27
CA GLU B 212 13.61 -7.14 9.14
C GLU B 212 12.70 -7.37 10.32
N ASP B 213 12.27 -8.64 10.49
CA ASP B 213 11.54 -9.09 11.69
C ASP B 213 12.27 -8.64 12.93
N THR B 214 13.59 -8.78 12.92
CA THR B 214 14.35 -8.49 14.10
C THR B 214 14.31 -7.01 14.43
N PHE B 215 14.43 -6.17 13.40
CA PHE B 215 14.53 -4.72 13.59
C PHE B 215 13.26 -4.18 14.23
N PHE B 216 12.11 -4.67 13.77
CA PHE B 216 10.82 -4.22 14.36
C PHE B 216 10.51 -4.73 15.76
N ARG B 217 10.99 -5.92 16.06
CA ARG B 217 10.85 -6.49 17.39
C ARG B 217 11.70 -5.71 18.37
N ASP B 218 12.94 -5.39 17.96
CA ASP B 218 13.76 -4.51 18.77
C ASP B 218 13.09 -3.20 19.00
N LEU B 219 12.46 -2.66 17.96
CA LEU B 219 11.98 -1.29 18.03
C LEU B 219 10.68 -1.12 18.80
N VAL B 220 9.73 -2.03 18.57
CA VAL B 220 8.40 -1.89 19.12
C VAL B 220 7.82 -3.20 19.62
N GLY B 221 8.65 -4.23 19.68
CA GLY B 221 8.21 -5.49 20.20
C GLY B 221 7.27 -6.22 19.28
N TYR B 222 7.21 -5.90 18.00
CA TYR B 222 6.43 -6.76 17.09
C TYR B 222 6.80 -6.49 15.64
N SER B 223 6.86 -7.55 14.85
CA SER B 223 7.00 -7.43 13.42
C SER B 223 5.81 -8.15 12.85
N ILE B 224 5.13 -7.52 11.90
CA ILE B 224 3.97 -8.14 11.25
C ILE B 224 4.36 -9.23 10.24
N GLY B 225 5.56 -9.15 9.67
CA GLY B 225 5.96 -10.09 8.63
C GLY B 225 5.86 -9.53 7.21
N THR B 226 6.50 -10.22 6.29
CA THR B 226 6.53 -9.83 4.86
C THR B 226 5.21 -10.15 4.16
N LEU B 227 4.51 -11.20 4.58
CA LEU B 227 3.20 -11.46 3.98
C LEU B 227 2.22 -10.47 4.58
N GLY B 228 2.40 -10.23 5.87
CA GLY B 228 1.48 -9.43 6.62
C GLY B 228 1.48 -7.98 6.23
N ILE B 229 2.66 -7.40 6.05
CA ILE B 229 2.70 -6.01 5.66
C ILE B 229 2.03 -5.69 4.30
N HIS B 230 1.95 -6.68 3.40
CA HIS B 230 1.30 -6.44 2.11
C HIS B 230 -0.19 -6.66 2.31
N ARG B 231 -0.54 -7.63 3.13
CA ARG B 231 -1.91 -7.78 3.59
C ARG B 231 -2.40 -6.45 4.20
N LEU B 232 -1.55 -5.78 4.97
CA LEU B 232 -1.93 -4.62 5.72
C LEU B 232 -2.08 -3.37 4.84
N GLY B 233 -1.05 -3.07 4.05
CA GLY B 233 -1.17 -2.00 3.08
C GLY B 233 -2.49 -2.09 2.34
N LEU B 234 -2.89 -3.29 1.96
CA LEU B 234 -4.07 -3.42 1.13
C LEU B 234 -5.34 -3.17 1.94
N LEU B 235 -5.38 -3.67 3.16
CA LEU B 235 -6.47 -3.44 4.07
C LEU B 235 -6.56 -1.97 4.53
N LEU B 236 -5.44 -1.39 4.96
CA LEU B 236 -5.43 0.03 5.30
C LEU B 236 -5.98 0.87 4.18
N SER B 237 -5.47 0.67 2.97
CA SER B 237 -5.84 1.56 1.88
C SER B 237 -7.28 1.27 1.43
N LEU B 238 -7.68 0.02 1.31
CA LEU B 238 -9.05 -0.24 0.90
C LEU B 238 -10.06 0.27 1.95
N SER B 239 -9.68 0.15 3.22
CA SER B 239 -10.56 0.54 4.31
C SER B 239 -10.66 2.06 4.39
N ALA B 240 -9.55 2.78 4.23
CA ALA B 240 -9.64 4.24 4.08
C ALA B 240 -10.70 4.63 3.02
N VAL B 241 -10.68 3.95 1.90
CA VAL B 241 -11.60 4.27 0.81
C VAL B 241 -13.00 3.74 1.10
N PHE B 242 -13.12 2.65 1.81
CA PHE B 242 -14.46 2.17 2.06
C PHE B 242 -15.17 3.16 2.99
N PHE B 243 -14.49 3.49 4.08
CA PHE B 243 -15.03 4.46 5.03
C PHE B 243 -15.14 5.86 4.44
N SER B 244 -14.32 6.19 3.46
CA SER B 244 -14.56 7.43 2.73
C SER B 244 -15.97 7.38 2.11
N ALA B 245 -16.22 6.42 1.23
CA ALA B 245 -17.51 6.37 0.55
C ALA B 245 -18.68 6.29 1.53
N LEU B 246 -18.50 5.52 2.60
CA LEU B 246 -19.50 5.44 3.63
C LEU B 246 -19.78 6.83 4.24
N CYS B 247 -18.72 7.54 4.63
CA CYS B 247 -18.86 8.84 5.27
C CYS B 247 -19.72 9.80 4.44
N MET B 248 -19.67 9.70 3.12
CA MET B 248 -20.49 10.55 2.27
C MET B 248 -21.86 9.97 1.86
N ILE B 249 -21.97 8.65 1.70
CA ILE B 249 -23.28 8.07 1.34
C ILE B 249 -24.29 8.41 2.42
N ILE B 250 -23.83 8.47 3.68
CA ILE B 250 -24.70 8.87 4.80
C ILE B 250 -24.91 10.38 4.99
N THR B 251 -24.14 11.22 4.30
CA THR B 251 -24.23 12.63 4.56
C THR B 251 -25.18 13.29 3.55
N GLY B 252 -26.28 13.82 4.09
CA GLY B 252 -27.39 14.32 3.28
C GLY B 252 -28.50 13.30 3.07
N THR B 253 -28.55 12.25 3.88
CA THR B 253 -29.45 11.13 3.62
C THR B 253 -29.93 10.58 4.95
N ILE B 254 -29.06 9.86 5.65
CA ILE B 254 -29.46 9.42 6.97
C ILE B 254 -29.06 10.48 8.00
N TRP B 255 -28.13 11.36 7.65
CA TRP B 255 -27.81 12.45 8.55
C TRP B 255 -27.57 13.71 7.74
N PHE B 256 -28.20 14.81 8.18
CA PHE B 256 -28.18 16.04 7.38
C PHE B 256 -28.09 17.32 8.20
N ASP B 257 -28.00 17.19 9.50
CA ASP B 257 -27.81 18.35 10.34
C ASP B 257 -26.30 18.58 10.51
N GLN B 258 -25.91 19.31 11.54
CA GLN B 258 -24.50 19.59 11.76
C GLN B 258 -23.86 18.35 12.37
N TRP B 259 -22.80 17.86 11.75
CA TRP B 259 -22.13 16.63 12.27
C TRP B 259 -21.71 16.72 13.76
N VAL B 260 -21.14 17.86 14.16
CA VAL B 260 -20.78 18.05 15.59
C VAL B 260 -21.90 17.74 16.57
N ASP B 261 -23.15 17.94 16.16
CA ASP B 261 -24.27 17.79 17.09
C ASP B 261 -24.54 16.30 17.26
N TRP B 262 -24.20 15.50 16.24
CA TRP B 262 -24.42 14.05 16.27
C TRP B 262 -23.81 13.43 17.53
N TRP B 263 -22.72 14.00 17.98
CA TRP B 263 -22.03 13.51 19.18
C TRP B 263 -22.81 13.62 20.47
N GLN B 264 -23.95 14.27 20.45
CA GLN B 264 -24.68 14.45 21.71
C GLN B 264 -25.36 13.15 22.15
N TRP B 265 -25.51 12.19 21.24
CA TRP B 265 -25.96 10.85 21.63
C TRP B 265 -25.10 10.30 22.81
N TRP B 266 -23.79 10.50 22.72
CA TRP B 266 -22.86 10.09 23.76
C TRP B 266 -23.13 10.84 25.04
N VAL B 267 -23.12 12.17 24.95
CA VAL B 267 -23.18 13.06 26.16
C VAL B 267 -24.50 12.94 26.92
N LYS B 268 -25.62 12.85 26.20
CA LYS B 268 -26.95 12.77 26.80
C LYS B 268 -27.33 11.34 27.29
N LEU B 269 -26.44 10.36 27.17
CA LEU B 269 -26.71 9.03 27.73
C LEU B 269 -27.12 9.21 29.19
N PRO B 270 -28.21 8.53 29.60
CA PRO B 270 -28.92 8.85 30.84
C PRO B 270 -27.99 8.76 32.05
N TRP B 271 -27.17 7.70 32.11
CA TRP B 271 -26.30 7.49 33.29
C TRP B 271 -25.32 8.62 33.66
N TRP B 272 -25.09 9.58 32.77
CA TRP B 272 -24.25 10.75 33.13
C TRP B 272 -24.73 12.09 32.63
N ALA B 273 -25.88 12.11 31.96
CA ALA B 273 -26.29 13.30 31.23
C ALA B 273 -26.41 14.56 32.10
N ASN B 274 -26.70 14.39 33.39
CA ASN B 274 -26.95 15.54 34.27
C ASN B 274 -26.06 15.59 35.48
N ILE B 275 -24.93 14.91 35.41
CA ILE B 275 -23.97 14.96 36.48
C ILE B 275 -23.26 16.29 36.35
N PRO B 276 -23.27 17.13 37.40
CA PRO B 276 -22.69 18.45 37.15
C PRO B 276 -21.17 18.39 36.94
N GLY B 277 -20.63 19.48 36.41
CA GLY B 277 -19.20 19.61 36.11
C GLY B 277 -18.84 19.19 34.68
N GLY B 278 -17.59 19.43 34.32
CA GLY B 278 -17.05 19.04 33.02
C GLY B 278 -17.35 20.09 31.97
N ILE B 279 -17.17 19.72 30.71
CA ILE B 279 -17.38 20.68 29.64
C ILE B 279 -18.88 20.84 29.39
N ASN B 280 -19.67 19.81 29.73
CA ASN B 280 -21.10 19.75 29.37
C ASN B 280 -22.09 19.67 30.56
N GLY B 281 -22.03 20.67 31.43
CA GLY B 281 -22.94 20.75 32.55
C GLY B 281 -22.20 21.25 33.77
N ALA C 1 -14.90 -21.02 -5.08
CA ALA C 1 -14.11 -19.77 -5.11
C ALA C 1 -12.67 -20.11 -4.78
N GLU C 2 -11.73 -19.47 -5.47
CA GLU C 2 -10.29 -19.64 -5.22
C GLU C 2 -9.96 -19.13 -3.77
N TYR C 3 -8.75 -19.47 -3.28
CA TYR C 3 -8.23 -18.99 -1.97
C TYR C 3 -7.33 -17.74 -2.16
N GLN C 4 -7.62 -16.66 -1.41
CA GLN C 4 -7.02 -15.37 -1.74
C GLN C 4 -5.82 -14.87 -0.92
N ASN C 5 -5.44 -15.58 0.12
CA ASN C 5 -4.24 -15.24 0.87
C ASN C 5 -4.38 -13.89 1.57
N ILE C 6 -5.60 -13.60 2.03
CA ILE C 6 -5.80 -12.41 2.84
C ILE C 6 -5.59 -12.77 4.30
N PHE C 7 -6.10 -13.94 4.65
CA PHE C 7 -5.85 -14.60 5.92
C PHE C 7 -5.18 -15.92 5.62
N SER C 8 -4.47 -16.49 6.60
CA SER C 8 -3.87 -17.80 6.42
C SER C 8 -4.87 -18.94 6.57
N GLN C 9 -4.57 -20.11 6.00
CA GLN C 9 -5.40 -21.31 6.23
C GLN C 9 -4.93 -22.18 7.37
N VAL C 10 -3.62 -22.10 7.63
CA VAL C 10 -2.94 -22.93 8.60
C VAL C 10 -1.79 -22.16 9.16
N GLN C 11 -1.72 -22.07 10.48
CA GLN C 11 -0.58 -21.47 11.12
C GLN C 11 0.28 -22.60 11.57
N VAL C 12 1.58 -22.35 11.59
CA VAL C 12 2.54 -23.23 12.20
C VAL C 12 3.38 -22.40 13.13
N ARG C 13 3.76 -22.99 14.25
CA ARG C 13 4.66 -22.37 15.18
C ARG C 13 5.81 -23.32 15.36
N GLY C 14 7.00 -22.75 15.55
CA GLY C 14 8.17 -23.48 16.00
C GLY C 14 8.69 -22.75 17.21
N PRO C 15 9.95 -23.00 17.58
CA PRO C 15 10.50 -22.29 18.74
C PRO C 15 10.58 -20.75 18.62
N ALA C 16 10.10 -20.05 19.63
CA ALA C 16 10.48 -18.67 19.83
C ALA C 16 11.72 -18.23 19.07
N ASP C 17 11.51 -17.26 18.17
CA ASP C 17 12.52 -16.66 17.32
C ASP C 17 13.12 -15.40 17.98
N LEU C 18 14.32 -15.55 18.49
CA LEU C 18 14.94 -14.49 19.28
C LEU C 18 15.69 -13.47 18.43
N GLY C 19 15.89 -13.78 17.17
CA GLY C 19 16.34 -12.81 16.21
C GLY C 19 17.81 -12.84 15.88
N MET C 20 18.17 -11.95 14.97
CA MET C 20 19.52 -11.81 14.54
C MET C 20 20.24 -11.04 15.61
N THR C 21 21.55 -11.16 15.60
CA THR C 21 22.38 -10.68 16.69
C THR C 21 23.27 -9.55 16.20
N GLU C 22 24.05 -9.81 15.16
CA GLU C 22 24.93 -8.77 14.61
C GLU C 22 25.58 -8.02 15.80
N ASP C 23 25.42 -6.70 15.90
CA ASP C 23 26.14 -5.93 16.92
C ASP C 23 25.23 -5.49 18.07
N VAL C 24 24.11 -6.18 18.22
CA VAL C 24 23.10 -5.76 19.20
C VAL C 24 23.53 -6.23 20.59
N ASN C 25 23.39 -5.33 21.55
CA ASN C 25 23.63 -5.72 22.93
C ASN C 25 22.48 -6.59 23.46
N LEU C 26 22.71 -7.91 23.42
CA LEU C 26 21.69 -8.91 23.80
C LEU C 26 21.22 -8.78 25.24
N ALA C 27 22.04 -8.12 26.07
CA ALA C 27 21.74 -7.86 27.49
C ALA C 27 20.46 -7.08 27.63
N ASN C 28 20.19 -6.23 26.63
CA ASN C 28 19.06 -5.31 26.63
C ASN C 28 17.75 -5.80 26.00
N ARG C 29 17.78 -6.90 25.26
CA ARG C 29 16.54 -7.48 24.75
C ARG C 29 15.82 -8.19 25.86
N SER C 30 14.51 -8.12 25.82
CA SER C 30 13.66 -8.89 26.69
C SER C 30 13.71 -10.33 26.21
N GLY C 31 12.76 -11.13 26.66
CA GLY C 31 12.54 -12.47 26.13
C GLY C 31 11.24 -12.41 25.38
N VAL C 32 10.74 -13.54 24.89
CA VAL C 32 9.55 -13.46 24.06
C VAL C 32 8.37 -13.08 24.89
N GLY C 33 7.38 -12.52 24.20
CA GLY C 33 6.05 -12.29 24.74
C GLY C 33 5.26 -13.50 24.32
N PRO C 34 3.96 -13.44 24.49
CA PRO C 34 3.10 -14.54 24.07
C PRO C 34 3.05 -14.71 22.55
N PHE C 35 2.21 -15.62 22.11
CA PHE C 35 1.99 -15.83 20.72
C PHE C 35 0.52 -15.61 20.53
N SER C 36 0.14 -14.66 19.67
CA SER C 36 -1.28 -14.48 19.39
C SER C 36 -1.68 -15.27 18.18
N THR C 37 -2.43 -16.32 18.40
CA THR C 37 -3.08 -17.00 17.30
C THR C 37 -3.97 -16.08 16.48
N LEU C 38 -4.56 -15.09 17.14
CA LEU C 38 -5.46 -14.21 16.43
C LEU C 38 -4.67 -13.44 15.38
N LEU C 39 -3.65 -12.74 15.83
CA LEU C 39 -2.74 -12.06 14.93
C LEU C 39 -2.21 -12.96 13.82
N GLY C 40 -2.08 -14.25 14.09
CA GLY C 40 -1.43 -15.15 13.16
C GLY C 40 -2.30 -15.54 11.99
N TRP C 41 -3.56 -15.13 12.01
CA TRP C 41 -4.38 -15.31 10.83
C TRP C 41 -3.96 -14.30 9.79
N PHE C 42 -3.34 -13.23 10.24
CA PHE C 42 -3.08 -12.15 9.36
C PHE C 42 -1.61 -11.88 9.14
N GLY C 43 -0.84 -11.76 10.23
CA GLY C 43 0.64 -11.73 10.16
C GLY C 43 1.28 -12.72 11.14
N ASN C 44 2.41 -12.32 11.70
CA ASN C 44 3.11 -13.07 12.74
C ASN C 44 2.31 -13.20 14.02
N ALA C 45 2.45 -14.35 14.69
CA ALA C 45 1.82 -14.59 16.00
C ALA C 45 2.74 -14.15 17.15
N GLN C 46 4.03 -14.24 16.92
CA GLN C 46 4.98 -13.95 17.98
C GLN C 46 4.95 -12.48 18.34
N LEU C 47 4.75 -12.20 19.63
CA LEU C 47 4.98 -10.89 20.27
C LEU C 47 6.36 -10.94 20.84
N GLY C 48 7.09 -9.83 20.77
CA GLY C 48 8.48 -9.74 21.31
C GLY C 48 9.49 -10.67 20.67
N PRO C 49 10.74 -10.68 21.18
CA PRO C 49 11.23 -9.83 22.26
C PRO C 49 11.33 -8.39 21.81
N ILE C 50 11.37 -7.44 22.77
CA ILE C 50 11.61 -6.04 22.48
C ILE C 50 12.94 -5.63 23.07
N TYR C 51 13.48 -4.49 22.65
CA TYR C 51 14.75 -3.99 23.17
C TYR C 51 14.55 -2.69 23.95
N LEU C 52 14.99 -2.65 25.20
CA LEU C 52 14.84 -1.47 26.04
C LEU C 52 16.10 -0.63 25.85
N GLY C 53 17.03 -0.61 26.80
CA GLY C 53 18.18 0.32 26.73
C GLY C 53 17.85 1.67 27.33
N SER C 54 18.85 2.52 27.50
CA SER C 54 18.63 3.83 28.17
C SER C 54 17.66 4.78 27.39
N LEU C 55 17.96 5.02 26.10
CA LEU C 55 17.02 5.71 25.23
C LEU C 55 15.62 5.06 25.21
N GLY C 56 15.56 3.74 25.28
CA GLY C 56 14.26 3.08 25.38
C GLY C 56 13.49 3.69 26.54
N VAL C 57 13.97 3.38 27.73
CA VAL C 57 13.37 3.84 28.96
C VAL C 57 13.05 5.31 28.94
N LEU C 58 14.02 6.11 28.51
CA LEU C 58 13.81 7.55 28.47
C LEU C 58 12.52 7.89 27.71
N SER C 59 12.37 7.34 26.52
CA SER C 59 11.24 7.66 25.64
C SER C 59 9.96 7.17 26.25
N LEU C 60 9.95 5.88 26.59
CA LEU C 60 8.78 5.28 27.18
C LEU C 60 8.29 6.14 28.36
N PHE C 61 9.16 6.35 29.32
CA PHE C 61 8.85 7.21 30.46
C PHE C 61 8.31 8.56 30.01
N SER C 62 9.13 9.28 29.25
CA SER C 62 8.81 10.65 28.83
C SER C 62 7.45 10.74 28.13
N GLY C 63 7.13 9.71 27.35
CA GLY C 63 5.83 9.62 26.71
C GLY C 63 4.67 9.41 27.66
N LEU C 64 4.87 8.63 28.70
CA LEU C 64 3.86 8.49 29.75
C LEU C 64 3.80 9.76 30.58
N MET C 65 4.94 10.41 30.78
CA MET C 65 4.90 11.71 31.43
C MET C 65 4.04 12.68 30.62
N TRP C 66 4.26 12.73 29.30
CA TRP C 66 3.39 13.50 28.41
C TRP C 66 1.93 13.09 28.56
N PHE C 67 1.69 11.78 28.54
CA PHE C 67 0.34 11.28 28.51
C PHE C 67 -0.38 11.66 29.79
N PHE C 68 0.18 11.24 30.93
CA PHE C 68 -0.44 11.50 32.21
C PHE C 68 -0.57 13.00 32.47
N THR C 69 0.44 13.80 32.10
CA THR C 69 0.29 15.25 32.26
C THR C 69 -1.03 15.76 31.68
N ILE C 70 -1.40 15.25 30.51
CA ILE C 70 -2.68 15.60 29.89
C ILE C 70 -3.85 14.97 30.65
N GLY C 71 -3.81 13.67 30.92
CA GLY C 71 -4.86 13.00 31.72
C GLY C 71 -5.16 13.64 33.09
N ILE C 72 -4.14 14.23 33.72
CA ILE C 72 -4.30 14.84 35.04
C ILE C 72 -5.13 16.11 34.86
N TRP C 73 -4.78 16.92 33.87
CA TRP C 73 -5.60 18.07 33.53
C TRP C 73 -7.02 17.67 33.16
N PHE C 74 -7.18 16.53 32.51
CA PHE C 74 -8.51 16.10 32.08
C PHE C 74 -9.41 15.71 33.25
N TRP C 75 -8.83 15.06 34.25
CA TRP C 75 -9.55 14.64 35.46
C TRP C 75 -9.95 15.91 36.19
N TYR C 76 -8.96 16.75 36.47
CA TYR C 76 -9.19 18.08 37.00
C TYR C 76 -10.33 18.84 36.31
N GLN C 77 -10.41 18.76 34.99
CA GLN C 77 -11.50 19.44 34.26
C GLN C 77 -12.84 18.78 34.50
N ALA C 78 -12.78 17.48 34.75
CA ALA C 78 -13.95 16.65 35.08
C ALA C 78 -14.38 16.73 36.56
N GLY C 79 -13.75 17.66 37.32
CA GLY C 79 -13.99 17.79 38.76
C GLY C 79 -13.76 16.45 39.45
N TRP C 80 -12.69 15.80 39.06
CA TRP C 80 -12.29 14.49 39.60
C TRP C 80 -13.35 13.37 39.57
N ASN C 81 -14.34 13.54 38.71
CA ASN C 81 -15.48 12.64 38.68
C ASN C 81 -15.48 11.70 37.47
N PRO C 82 -15.19 10.40 37.69
CA PRO C 82 -15.20 9.34 36.68
C PRO C 82 -16.25 9.43 35.58
N ALA C 83 -17.50 9.68 35.98
CA ALA C 83 -18.62 9.67 35.05
C ALA C 83 -18.52 10.83 34.05
N VAL C 84 -18.27 12.03 34.59
CA VAL C 84 -18.04 13.21 33.78
C VAL C 84 -16.85 12.94 32.82
N PHE C 85 -15.69 12.67 33.40
CA PHE C 85 -14.48 12.30 32.66
C PHE C 85 -14.77 11.51 31.38
N LEU C 86 -15.43 10.36 31.51
CA LEU C 86 -15.79 9.58 30.33
C LEU C 86 -16.77 10.28 29.40
N ARG C 87 -17.77 10.94 29.97
CA ARG C 87 -18.80 11.58 29.17
C ARG C 87 -18.13 12.62 28.28
N ASP C 88 -17.33 13.49 28.90
CA ASP C 88 -16.74 14.65 28.26
C ASP C 88 -15.32 14.42 27.73
N LEU C 89 -14.92 13.17 27.65
CA LEU C 89 -13.56 12.77 27.26
C LEU C 89 -13.03 13.42 25.99
N PHE C 90 -13.92 13.57 25.02
CA PHE C 90 -13.54 14.07 23.72
C PHE C 90 -13.54 15.60 23.69
N PHE C 91 -13.96 16.23 24.79
CA PHE C 91 -14.13 17.69 24.84
C PHE C 91 -13.06 18.38 25.63
N PHE C 92 -12.45 17.64 26.54
CA PHE C 92 -11.39 18.18 27.35
C PHE C 92 -10.25 18.62 26.47
N SER C 93 -9.42 19.54 26.94
CA SER C 93 -8.35 20.07 26.12
C SER C 93 -7.32 20.77 26.98
N LEU C 94 -6.04 20.41 26.83
CA LEU C 94 -4.95 21.09 27.50
C LEU C 94 -4.40 22.13 26.55
N GLU C 95 -4.80 23.39 26.75
CA GLU C 95 -4.55 24.46 25.78
C GLU C 95 -3.23 25.16 26.07
N PRO C 96 -2.58 25.69 25.04
CA PRO C 96 -1.31 26.39 25.22
C PRO C 96 -1.53 27.74 25.87
N PRO C 97 -0.44 28.47 26.14
CA PRO C 97 -0.62 29.74 26.78
C PRO C 97 -1.30 30.73 25.86
N ALA C 98 -1.92 31.73 26.49
CA ALA C 98 -2.44 32.89 25.80
C ALA C 98 -1.33 33.65 25.01
N PRO C 99 -1.76 34.42 24.00
CA PRO C 99 -0.79 35.21 23.22
C PRO C 99 -0.03 36.30 23.99
N GLU C 100 -0.59 36.77 25.13
CA GLU C 100 0.08 37.73 26.03
C GLU C 100 1.47 37.28 26.37
N TYR C 101 1.58 36.00 26.68
CA TYR C 101 2.83 35.44 27.15
C TYR C 101 3.84 35.17 26.06
N GLY C 102 3.47 35.35 24.78
CA GLY C 102 4.40 35.13 23.67
C GLY C 102 5.10 33.78 23.78
N LEU C 103 6.44 33.80 23.67
CA LEU C 103 7.26 32.60 23.85
C LEU C 103 7.77 32.42 25.28
N SER C 104 7.25 33.22 26.20
CA SER C 104 7.74 33.17 27.57
C SER C 104 7.25 31.88 28.21
N PHE C 105 7.97 31.47 29.24
CA PHE C 105 7.58 30.34 30.07
C PHE C 105 6.87 30.82 31.35
N ALA C 106 6.47 32.08 31.38
CA ALA C 106 5.94 32.70 32.60
C ALA C 106 4.51 32.27 32.99
N ALA C 107 3.71 31.87 32.00
CA ALA C 107 2.27 31.63 32.21
C ALA C 107 2.01 30.63 33.33
N PRO C 108 0.92 30.85 34.10
CA PRO C 108 0.58 29.91 35.18
C PRO C 108 0.30 28.48 34.69
N LEU C 109 0.53 27.51 35.57
CA LEU C 109 0.20 26.12 35.29
C LEU C 109 -1.15 26.03 34.63
N LYS C 110 -2.17 26.48 35.36
CA LYS C 110 -3.57 26.28 34.94
C LYS C 110 -3.92 26.97 33.64
N GLU C 111 -3.13 27.97 33.22
CA GLU C 111 -3.42 28.76 32.02
C GLU C 111 -2.25 28.79 31.03
N GLY C 112 -1.60 27.65 30.81
CA GLY C 112 -0.55 27.56 29.80
C GLY C 112 0.69 26.76 30.16
N GLY C 113 1.18 26.97 31.38
CA GLY C 113 2.43 26.34 31.83
C GLY C 113 2.44 24.81 31.77
N LEU C 114 1.29 24.23 32.09
CA LEU C 114 1.11 22.77 32.09
C LEU C 114 1.19 22.20 30.64
N TRP C 115 0.77 23.02 29.66
CA TRP C 115 0.90 22.65 28.25
C TRP C 115 2.37 22.59 27.80
N LEU C 116 3.20 23.48 28.32
CA LEU C 116 4.64 23.47 28.00
C LEU C 116 5.30 22.24 28.57
N ILE C 117 4.81 21.80 29.72
CA ILE C 117 5.36 20.65 30.38
C ILE C 117 5.14 19.38 29.57
N ALA C 118 3.87 19.16 29.21
CA ALA C 118 3.51 18.01 28.40
C ALA C 118 4.19 18.12 27.04
N SER C 119 4.14 19.30 26.43
CA SER C 119 4.92 19.54 25.22
C SER C 119 6.40 19.15 25.41
N PHE C 120 6.98 19.50 26.54
CA PHE C 120 8.39 19.18 26.79
C PHE C 120 8.57 17.66 26.76
N PHE C 121 7.81 16.94 27.59
CA PHE C 121 7.90 15.47 27.62
C PHE C 121 7.68 14.83 26.25
N MET C 122 6.93 15.50 25.39
CA MET C 122 6.66 14.98 24.07
C MET C 122 7.90 15.18 23.21
N PHE C 123 8.52 16.35 23.36
CA PHE C 123 9.73 16.69 22.59
C PHE C 123 10.82 15.68 22.87
N VAL C 124 11.09 15.46 24.14
CA VAL C 124 12.00 14.42 24.60
C VAL C 124 11.65 13.01 24.08
N ALA C 125 10.44 12.57 24.37
CA ALA C 125 9.98 11.22 23.98
C ALA C 125 10.10 10.89 22.47
N VAL C 126 9.82 11.87 21.65
CA VAL C 126 9.85 11.69 20.20
C VAL C 126 11.27 11.66 19.67
N TRP C 127 12.03 12.68 20.02
CA TRP C 127 13.39 12.76 19.55
C TRP C 127 14.23 11.60 20.08
N SER C 128 13.95 11.14 21.30
CA SER C 128 14.72 10.00 21.83
C SER C 128 14.38 8.82 20.98
N TRP C 129 13.09 8.53 20.91
CA TRP C 129 12.58 7.57 19.95
C TRP C 129 13.15 7.66 18.51
N TRP C 130 13.36 8.85 17.97
CA TRP C 130 13.99 8.93 16.64
C TRP C 130 15.41 8.36 16.74
N GLY C 131 16.12 8.69 17.80
CA GLY C 131 17.47 8.21 18.00
C GLY C 131 17.48 6.69 18.10
N ARG C 132 16.43 6.16 18.72
CA ARG C 132 16.20 4.73 18.78
C ARG C 132 16.12 4.14 17.36
N THR C 133 15.44 4.78 16.44
CA THR C 133 15.20 4.09 15.17
C THR C 133 16.49 4.00 14.38
N TYR C 134 17.40 4.96 14.62
CA TYR C 134 18.70 5.02 13.95
C TYR C 134 19.61 3.93 14.46
N LEU C 135 19.51 3.67 15.75
CA LEU C 135 20.49 2.90 16.46
C LEU C 135 20.20 1.43 16.33
N ARG C 136 18.93 1.07 16.44
CA ARG C 136 18.50 -0.29 16.20
C ARG C 136 18.86 -0.74 14.78
N ALA C 137 18.88 0.22 13.85
CA ALA C 137 19.35 -0.04 12.50
C ALA C 137 20.85 -0.29 12.49
N GLN C 138 21.59 0.66 13.05
CA GLN C 138 23.04 0.59 13.14
C GLN C 138 23.49 -0.67 13.82
N ALA C 139 22.88 -1.04 14.94
CA ALA C 139 23.29 -2.26 15.61
C ALA C 139 23.11 -3.44 14.65
N LEU C 140 22.07 -3.44 13.84
CA LEU C 140 21.83 -4.58 12.92
C LEU C 140 22.59 -4.47 11.58
N GLY C 141 23.33 -3.39 11.39
CA GLY C 141 24.14 -3.18 10.16
C GLY C 141 23.34 -2.77 8.96
N MET C 142 22.09 -2.33 9.22
CA MET C 142 21.09 -1.93 8.21
C MET C 142 21.12 -0.45 7.87
N GLY C 143 20.52 -0.14 6.73
CA GLY C 143 20.45 1.22 6.26
C GLY C 143 19.59 2.04 7.19
N LYS C 144 19.60 3.36 6.96
CA LYS C 144 19.04 4.33 7.91
C LYS C 144 17.72 4.87 7.46
N HIS C 145 17.22 4.26 6.40
CA HIS C 145 16.00 4.67 5.73
C HIS C 145 14.83 4.89 6.67
N THR C 146 14.65 3.99 7.61
CA THR C 146 13.58 4.15 8.56
C THR C 146 13.75 5.47 9.35
N ALA C 147 14.93 5.74 9.85
CA ALA C 147 15.11 6.97 10.64
C ALA C 147 14.95 8.20 9.77
N TRP C 148 15.35 8.11 8.50
CA TRP C 148 15.22 9.29 7.64
C TRP C 148 13.77 9.53 7.32
N ALA C 149 13.01 8.48 7.11
CA ALA C 149 11.61 8.61 6.79
C ALA C 149 10.83 9.13 7.97
N PHE C 150 11.20 8.69 9.15
CA PHE C 150 10.52 9.11 10.37
C PHE C 150 10.82 10.56 10.60
N LEU C 151 12.00 10.97 10.12
CA LEU C 151 12.34 12.35 10.24
C LEU C 151 11.31 13.24 9.54
N SER C 152 10.77 12.77 8.41
CA SER C 152 9.79 13.54 7.67
C SER C 152 8.46 13.72 8.40
N ALA C 153 8.04 12.71 9.14
CA ALA C 153 6.89 12.91 10.03
C ALA C 153 7.27 13.95 11.10
N ILE C 154 8.49 13.86 11.64
CA ILE C 154 8.90 14.75 12.71
C ILE C 154 8.84 16.18 12.24
N TRP C 155 9.30 16.41 11.02
CA TRP C 155 9.25 17.72 10.38
C TRP C 155 7.92 18.43 10.61
N LEU C 156 6.83 17.79 10.18
CA LEU C 156 5.52 18.43 10.27
C LEU C 156 5.13 18.70 11.71
N TRP C 157 5.38 17.73 12.58
CA TRP C 157 5.16 17.83 14.02
C TRP C 157 5.99 18.96 14.64
N MET C 158 7.24 19.12 14.25
CA MET C 158 8.05 20.19 14.79
C MET C 158 7.50 21.51 14.32
N VAL C 159 7.11 21.55 13.05
CA VAL C 159 6.61 22.76 12.46
C VAL C 159 5.38 23.22 13.23
N LEU C 160 4.45 22.29 13.43
CA LEU C 160 3.18 22.59 14.09
C LEU C 160 3.30 23.10 15.49
N GLY C 161 4.14 22.48 16.31
CA GLY C 161 4.12 22.71 17.77
C GLY C 161 5.31 23.50 18.28
N PHE C 162 6.26 23.82 17.42
CA PHE C 162 7.52 24.40 17.88
C PHE C 162 8.12 25.45 16.91
N ILE C 163 8.54 25.02 15.72
CA ILE C 163 9.19 25.94 14.76
C ILE C 163 8.27 27.10 14.39
N ARG C 164 7.04 26.79 14.01
CA ARG C 164 6.12 27.83 13.61
C ARG C 164 5.70 28.76 14.78
N PRO C 165 5.26 28.19 15.91
CA PRO C 165 5.02 29.05 17.10
C PRO C 165 6.17 30.03 17.47
N ILE C 166 7.40 29.59 17.27
CA ILE C 166 8.56 30.43 17.57
C ILE C 166 8.62 31.54 16.54
N LEU C 167 8.51 31.17 15.27
CA LEU C 167 8.59 32.17 14.21
C LEU C 167 7.45 33.14 14.30
N MET C 168 6.30 32.70 14.77
CA MET C 168 5.16 33.59 14.84
C MET C 168 5.19 34.47 16.08
N GLY C 169 6.09 34.20 17.02
CA GLY C 169 6.16 34.94 18.27
C GLY C 169 5.41 34.37 19.49
N SER C 170 4.51 33.39 19.33
CA SER C 170 3.83 32.84 20.54
C SER C 170 3.54 31.34 20.56
N TRP C 171 3.63 30.72 21.74
CA TRP C 171 3.19 29.35 21.95
C TRP C 171 1.69 29.14 21.70
N SER C 172 0.93 30.24 21.65
CA SER C 172 -0.53 30.19 21.53
C SER C 172 -0.91 29.71 20.14
N GLU C 173 0.01 29.93 19.20
CA GLU C 173 -0.15 29.52 17.80
C GLU C 173 -0.07 28.03 17.66
N ALA C 174 0.41 27.35 18.70
CA ALA C 174 0.57 25.89 18.72
C ALA C 174 -0.74 25.13 18.95
N VAL C 175 -0.68 23.81 18.88
CA VAL C 175 -1.87 22.95 18.89
C VAL C 175 -2.15 22.42 20.29
N PRO C 176 -3.43 22.44 20.73
CA PRO C 176 -3.78 21.85 22.03
C PRO C 176 -3.82 20.30 22.04
N TYR C 177 -3.68 19.72 23.23
CA TYR C 177 -3.88 18.29 23.39
C TYR C 177 -5.34 18.11 23.74
N GLY C 178 -6.08 17.55 22.80
CA GLY C 178 -7.47 17.25 23.04
C GLY C 178 -8.03 16.74 21.74
N ILE C 179 -8.96 15.78 21.84
CA ILE C 179 -9.48 15.12 20.65
C ILE C 179 -10.29 16.09 19.76
N PHE C 180 -11.35 16.68 20.30
CA PHE C 180 -12.14 17.59 19.47
C PHE C 180 -11.42 18.93 19.34
N SER C 181 -10.72 19.36 20.38
CA SER C 181 -10.15 20.69 20.33
C SER C 181 -9.05 20.83 19.26
N HIS C 182 -8.46 19.69 18.84
CA HIS C 182 -7.38 19.74 17.84
C HIS C 182 -7.97 19.77 16.44
N LEU C 183 -9.17 19.23 16.30
CA LEU C 183 -9.83 19.32 15.02
C LEU C 183 -10.30 20.78 14.81
N ASP C 184 -10.85 21.39 15.88
CA ASP C 184 -11.30 22.78 15.83
C ASP C 184 -10.11 23.68 15.45
N TRP C 185 -8.99 23.47 16.16
CA TRP C 185 -7.73 24.13 15.77
C TRP C 185 -7.43 24.00 14.29
N THR C 186 -7.72 22.84 13.74
CA THR C 186 -7.33 22.56 12.37
C THR C 186 -8.22 23.30 11.39
N ASN C 187 -9.54 23.19 11.60
CA ASN C 187 -10.52 23.95 10.83
C ASN C 187 -10.26 25.42 10.94
N ASN C 188 -10.02 25.82 12.16
CA ASN C 188 -9.81 27.20 12.45
C ASN C 188 -8.61 27.75 11.67
N PHE C 189 -7.50 27.03 11.76
CA PHE C 189 -6.28 27.37 11.02
C PHE C 189 -6.55 27.66 9.54
N SER C 190 -7.38 26.82 8.91
CA SER C 190 -7.62 26.95 7.48
C SER C 190 -8.28 28.26 7.25
N LEU C 191 -9.29 28.58 8.07
CA LEU C 191 -10.11 29.82 7.91
C LEU C 191 -9.25 31.07 8.02
N VAL C 192 -8.55 31.18 9.13
CA VAL C 192 -7.69 32.31 9.35
C VAL C 192 -6.61 32.53 8.28
N HIS C 193 -6.38 31.54 7.42
CA HIS C 193 -5.31 31.61 6.39
C HIS C 193 -5.88 31.57 4.98
N GLY C 194 -7.18 31.70 4.85
CA GLY C 194 -7.74 31.96 3.55
C GLY C 194 -8.08 30.71 2.77
N ASN C 195 -8.37 29.64 3.49
CA ASN C 195 -8.58 28.33 2.93
C ASN C 195 -7.26 27.65 2.47
N LEU C 196 -6.94 26.53 3.14
CA LEU C 196 -5.71 25.81 2.82
C LEU C 196 -5.77 25.16 1.46
N PHE C 197 -6.97 24.95 0.93
CA PHE C 197 -7.07 24.42 -0.42
C PHE C 197 -6.31 25.22 -1.46
N TYR C 198 -5.97 26.47 -1.14
CA TYR C 198 -5.23 27.35 -2.05
C TYR C 198 -3.71 27.36 -1.74
N ASN C 199 -3.29 26.67 -0.68
CA ASN C 199 -1.88 26.48 -0.37
C ASN C 199 -1.34 25.36 -1.26
N PRO C 200 -0.47 25.69 -2.23
CA PRO C 200 -0.02 24.66 -3.19
C PRO C 200 0.60 23.42 -2.52
N PHE C 201 1.27 23.63 -1.39
CA PHE C 201 1.80 22.52 -0.60
C PHE C 201 0.75 21.68 0.07
N HIS C 202 -0.41 22.26 0.40
CA HIS C 202 -1.52 21.46 0.95
C HIS C 202 -2.03 20.52 -0.16
N GLY C 203 -2.16 21.07 -1.35
CA GLY C 203 -2.62 20.26 -2.48
C GLY C 203 -1.64 19.14 -2.82
N LEU C 204 -0.34 19.42 -2.71
CA LEU C 204 0.68 18.39 -2.93
C LEU C 204 0.62 17.33 -1.83
N SER C 205 0.56 17.81 -0.59
CA SER C 205 0.35 16.93 0.53
C SER C 205 -0.81 15.97 0.27
N ILE C 206 -1.91 16.49 -0.24
CA ILE C 206 -3.06 15.65 -0.50
C ILE C 206 -2.77 14.62 -1.57
N ALA C 207 -2.06 15.05 -2.60
CA ALA C 207 -1.78 14.20 -3.77
C ALA C 207 -0.96 13.00 -3.37
N PHE C 208 0.00 13.23 -2.47
CA PHE C 208 0.85 12.20 -1.93
C PHE C 208 0.11 11.28 -0.95
N LEU C 209 -0.78 11.85 -0.16
CA LEU C 209 -1.57 11.10 0.77
C LEU C 209 -2.50 10.16 0.03
N TYR C 210 -3.24 10.71 -0.93
CA TYR C 210 -4.07 9.86 -1.77
C TYR C 210 -3.13 8.93 -2.55
N GLY C 211 -2.06 9.50 -3.11
CA GLY C 211 -1.04 8.72 -3.81
C GLY C 211 -0.59 7.51 -3.02
N SER C 212 -0.20 7.77 -1.77
CA SER C 212 0.17 6.72 -0.83
C SER C 212 -0.87 5.61 -0.77
N ALA C 213 -2.15 5.94 -0.70
CA ALA C 213 -3.16 4.90 -0.54
C ALA C 213 -3.35 4.09 -1.84
N HIS C 214 -3.46 4.85 -2.91
CA HIS C 214 -3.41 4.36 -4.27
C HIS C 214 -2.23 3.39 -4.53
N LEU C 215 -1.00 3.83 -4.23
CA LEU C 215 0.22 3.04 -4.42
C LEU C 215 0.26 1.78 -3.59
N PHE C 216 -0.13 1.90 -2.33
CA PHE C 216 0.04 0.79 -1.43
C PHE C 216 -1.03 -0.23 -1.76
N ALA C 217 -2.14 0.23 -2.33
CA ALA C 217 -3.16 -0.70 -2.75
C ALA C 217 -2.60 -1.48 -3.92
N MET C 218 -2.07 -0.74 -4.89
CA MET C 218 -1.43 -1.38 -6.03
C MET C 218 -0.41 -2.43 -5.57
N HIS C 219 0.51 -1.99 -4.72
CA HIS C 219 1.64 -2.81 -4.35
C HIS C 219 1.23 -4.01 -3.52
N GLY C 220 0.52 -3.71 -2.45
CA GLY C 220 -0.04 -4.73 -1.59
C GLY C 220 -0.80 -5.76 -2.38
N ALA C 221 -1.65 -5.34 -3.32
CA ALA C 221 -2.44 -6.29 -4.13
C ALA C 221 -1.51 -7.07 -5.06
N THR C 222 -0.53 -6.37 -5.64
CA THR C 222 0.35 -6.97 -6.61
C THR C 222 1.10 -8.14 -5.96
N ILE C 223 1.85 -7.82 -4.89
CA ILE C 223 2.56 -8.84 -4.11
C ILE C 223 1.62 -9.98 -3.73
N LEU C 224 0.38 -9.68 -3.40
CA LEU C 224 -0.57 -10.76 -3.10
C LEU C 224 -0.94 -11.59 -4.32
N ALA C 225 -1.02 -10.97 -5.49
CA ALA C 225 -1.42 -11.69 -6.71
C ALA C 225 -0.32 -12.64 -7.19
N VAL C 226 0.93 -12.27 -6.89
CA VAL C 226 2.10 -13.09 -7.18
C VAL C 226 2.69 -13.78 -5.94
N SER C 227 1.94 -13.81 -4.86
CA SER C 227 2.39 -14.54 -3.68
C SER C 227 2.49 -16.04 -4.01
N ARG C 228 1.74 -16.50 -5.01
CA ARG C 228 1.79 -17.91 -5.48
C ARG C 228 3.10 -18.34 -6.18
N PHE C 229 3.97 -17.40 -6.49
CA PHE C 229 5.35 -17.64 -6.96
C PHE C 229 6.35 -17.04 -5.92
N GLY C 230 5.92 -16.84 -4.69
CA GLY C 230 6.87 -16.40 -3.67
C GLY C 230 7.12 -14.90 -3.58
N GLY C 231 6.25 -14.09 -4.19
CA GLY C 231 6.49 -12.67 -4.32
C GLY C 231 6.86 -11.89 -3.06
N GLU C 232 6.27 -12.26 -1.92
CA GLU C 232 6.51 -11.47 -0.68
C GLU C 232 7.96 -11.58 -0.19
N ARG C 233 8.70 -12.52 -0.77
CA ARG C 233 10.09 -12.72 -0.47
C ARG C 233 10.86 -11.82 -1.33
N GLU C 234 10.68 -10.55 -1.01
CA GLU C 234 11.09 -9.45 -1.85
C GLU C 234 12.62 -9.34 -1.89
N LEU C 235 13.28 -9.37 -0.73
CA LEU C 235 14.73 -9.20 -0.69
C LEU C 235 15.44 -10.20 -1.60
N GLU C 236 15.00 -11.48 -1.56
CA GLU C 236 15.52 -12.53 -2.49
C GLU C 236 15.08 -12.44 -3.95
N GLN C 237 13.97 -11.77 -4.26
CA GLN C 237 13.64 -11.50 -5.67
C GLN C 237 14.47 -10.31 -6.18
N ILE C 238 14.97 -9.51 -5.26
CA ILE C 238 15.84 -8.42 -5.63
C ILE C 238 17.13 -9.04 -6.13
N ALA C 239 17.68 -9.95 -5.35
CA ALA C 239 19.00 -10.50 -5.62
C ALA C 239 18.98 -11.62 -6.68
N ASP C 240 17.79 -12.14 -6.98
CA ASP C 240 17.65 -13.18 -7.98
C ASP C 240 16.20 -13.24 -8.44
N ARG C 241 15.96 -12.47 -9.49
CA ARG C 241 14.64 -12.17 -9.95
C ARG C 241 13.95 -13.45 -10.36
N GLY C 242 12.70 -13.58 -9.93
CA GLY C 242 11.91 -14.78 -10.16
C GLY C 242 10.76 -14.39 -11.04
N THR C 243 9.99 -15.39 -11.45
CA THR C 243 8.78 -15.13 -12.23
C THR C 243 7.72 -14.31 -11.48
N ALA C 244 7.73 -14.39 -10.15
CA ALA C 244 6.95 -13.47 -9.33
C ALA C 244 7.29 -12.04 -9.71
N ALA C 245 8.55 -11.65 -9.65
CA ALA C 245 8.89 -10.26 -9.99
C ALA C 245 8.52 -9.93 -11.46
N GLU C 246 8.71 -10.90 -12.34
CA GLU C 246 8.44 -10.67 -13.75
C GLU C 246 6.94 -10.49 -14.00
N ARG C 247 6.15 -11.36 -13.41
CA ARG C 247 4.73 -11.30 -13.67
C ARG C 247 4.14 -9.98 -13.16
N ALA C 248 4.61 -9.54 -12.00
CA ALA C 248 4.22 -8.22 -11.43
C ALA C 248 4.60 -7.08 -12.37
N ALA C 249 5.88 -7.03 -12.73
CA ALA C 249 6.35 -5.99 -13.65
C ALA C 249 5.50 -5.93 -14.92
N LEU C 250 5.14 -7.10 -15.43
CA LEU C 250 4.51 -7.10 -16.74
C LEU C 250 3.09 -6.73 -16.60
N PHE C 251 2.45 -7.13 -15.50
CA PHE C 251 1.07 -6.72 -15.30
C PHE C 251 0.95 -5.19 -15.46
N TRP C 252 1.91 -4.46 -14.93
CA TRP C 252 1.81 -3.02 -14.91
C TRP C 252 2.21 -2.39 -16.21
N ARG C 253 3.17 -2.99 -16.87
CA ARG C 253 3.64 -2.51 -18.14
C ARG C 253 2.51 -2.70 -19.18
N TRP C 254 1.84 -3.85 -19.17
CA TRP C 254 0.70 -4.08 -20.07
C TRP C 254 -0.50 -3.19 -19.77
N THR C 255 -0.75 -2.95 -18.48
CA THR C 255 -1.88 -2.17 -18.04
C THR C 255 -1.63 -0.69 -18.33
N MET C 256 -0.55 -0.12 -17.81
CA MET C 256 -0.35 1.32 -17.92
C MET C 256 0.91 1.72 -18.65
N GLY C 257 1.60 0.80 -19.27
CA GLY C 257 2.70 1.18 -20.21
C GLY C 257 4.10 1.24 -19.63
N PHE C 258 4.23 1.32 -18.32
CA PHE C 258 5.55 1.28 -17.72
C PHE C 258 5.49 0.40 -16.47
N ASN C 259 6.61 0.23 -15.80
CA ASN C 259 6.63 -0.59 -14.61
C ASN C 259 7.84 -0.36 -13.71
N ALA C 260 7.88 -1.17 -12.66
CA ALA C 260 8.89 -1.09 -11.65
C ALA C 260 9.66 -2.41 -11.47
N THR C 261 10.68 -2.28 -10.64
CA THR C 261 11.45 -3.38 -10.18
C THR C 261 11.05 -3.64 -8.72
N MET C 262 11.38 -4.84 -8.26
CA MET C 262 11.09 -5.29 -6.93
C MET C 262 11.81 -4.46 -5.86
N GLU C 263 12.96 -3.90 -6.17
CA GLU C 263 13.51 -2.87 -5.30
C GLU C 263 12.86 -1.52 -5.56
N GLY C 264 12.88 -1.06 -6.81
CA GLY C 264 12.48 0.31 -7.12
C GLY C 264 11.07 0.68 -6.63
N ILE C 265 10.14 -0.26 -6.75
CA ILE C 265 8.81 -0.07 -6.18
C ILE C 265 8.87 0.43 -4.73
N HIS C 266 9.83 -0.05 -3.95
CA HIS C 266 9.98 0.40 -2.55
C HIS C 266 10.62 1.79 -2.48
N ARG C 267 11.33 2.20 -3.50
CA ARG C 267 11.77 3.60 -3.56
C ARG C 267 10.57 4.54 -3.90
N TRP C 268 9.76 4.18 -4.91
CA TRP C 268 8.51 4.89 -5.14
C TRP C 268 7.76 4.99 -3.82
N ALA C 269 7.64 3.86 -3.13
CA ALA C 269 6.86 3.85 -1.91
C ALA C 269 7.44 4.76 -0.84
N ILE C 270 8.70 4.59 -0.44
CA ILE C 270 9.20 5.41 0.64
C ILE C 270 9.00 6.92 0.35
N TRP C 271 9.08 7.30 -0.92
CA TRP C 271 9.00 8.72 -1.27
C TRP C 271 7.57 9.30 -1.36
N MET C 272 6.68 8.57 -2.02
CA MET C 272 5.27 8.89 -2.00
C MET C 272 4.89 9.26 -0.57
N ALA C 273 5.20 8.37 0.36
CA ALA C 273 4.84 8.56 1.75
C ALA C 273 5.62 9.74 2.38
N VAL C 274 6.95 9.79 2.32
CA VAL C 274 7.62 10.86 3.08
C VAL C 274 7.22 12.20 2.56
N LEU C 275 6.86 12.29 1.28
CA LEU C 275 6.52 13.59 0.69
C LEU C 275 5.20 14.19 1.18
N VAL C 276 4.32 13.37 1.71
CA VAL C 276 3.10 13.82 2.36
C VAL C 276 3.45 14.83 3.43
N THR C 277 4.20 14.39 4.42
CA THR C 277 4.55 15.22 5.54
C THR C 277 5.66 16.22 5.25
N LEU C 278 6.37 16.03 4.16
CA LEU C 278 7.42 16.95 3.79
C LEU C 278 6.83 18.24 3.29
N THR C 279 6.08 18.12 2.20
CA THR C 279 5.36 19.23 1.60
C THR C 279 4.46 19.84 2.67
N GLY C 280 3.66 18.98 3.30
CA GLY C 280 2.80 19.34 4.41
C GLY C 280 3.46 20.31 5.36
N GLY C 281 4.63 19.96 5.85
CA GLY C 281 5.34 20.78 6.82
C GLY C 281 5.70 22.13 6.25
N ILE C 282 6.19 22.18 5.04
CA ILE C 282 6.50 23.46 4.41
C ILE C 282 5.23 24.35 4.33
N GLY C 283 4.18 23.84 3.70
CA GLY C 283 2.93 24.55 3.58
C GLY C 283 2.49 25.20 4.87
N ILE C 284 2.54 24.46 5.97
CA ILE C 284 2.23 25.06 7.28
C ILE C 284 3.28 26.08 7.76
N LEU C 285 4.56 25.80 7.56
CA LEU C 285 5.58 26.72 8.02
C LEU C 285 5.41 28.05 7.33
N LEU C 286 5.04 28.03 6.05
CA LEU C 286 4.81 29.26 5.27
C LEU C 286 3.56 30.03 5.66
N SER C 287 2.59 29.32 6.26
CA SER C 287 1.32 29.91 6.62
C SER C 287 1.46 30.81 7.84
N GLY C 288 1.19 32.09 7.66
CA GLY C 288 1.24 33.01 8.78
C GLY C 288 2.56 33.73 8.87
N THR C 289 3.63 33.07 8.48
CA THR C 289 4.97 33.63 8.51
C THR C 289 5.24 34.49 7.26
N VAL C 290 4.76 34.03 6.11
CA VAL C 290 5.08 34.61 4.81
C VAL C 290 3.80 34.81 3.98
N VAL C 291 2.75 34.04 4.30
CA VAL C 291 1.45 34.13 3.64
C VAL C 291 0.33 34.21 4.71
N ASP C 292 -0.35 35.35 4.78
CA ASP C 292 -1.46 35.53 5.72
C ASP C 292 -2.72 34.91 5.14
N ASN C 293 -2.75 34.73 3.82
CA ASN C 293 -3.96 34.32 3.09
C ASN C 293 -3.64 33.61 1.76
N TRP C 294 -3.94 32.33 1.72
CA TRP C 294 -3.57 31.52 0.57
C TRP C 294 -4.41 31.91 -0.64
N TYR C 295 -5.72 32.06 -0.49
CA TYR C 295 -6.51 32.65 -1.59
C TYR C 295 -5.90 33.91 -2.22
N VAL C 296 -5.45 34.86 -1.39
CA VAL C 296 -4.86 36.10 -1.92
C VAL C 296 -3.58 35.84 -2.70
N TRP C 297 -2.57 35.31 -2.02
CA TRP C 297 -1.37 34.74 -2.64
C TRP C 297 -1.69 34.07 -3.98
N GLY C 298 -2.74 33.25 -3.98
CA GLY C 298 -3.16 32.50 -5.15
C GLY C 298 -3.59 33.40 -6.29
N GLN C 299 -4.27 34.50 -5.98
CA GLN C 299 -4.68 35.45 -7.01
C GLN C 299 -3.47 36.14 -7.68
N ASN C 300 -2.33 36.11 -7.01
CA ASN C 300 -1.08 36.65 -7.57
C ASN C 300 -0.16 35.56 -8.12
N HIS C 301 -0.79 34.50 -8.66
CA HIS C 301 -0.27 33.11 -8.67
C HIS C 301 1.08 32.96 -7.99
N GLY C 302 1.25 33.69 -6.86
CA GLY C 302 2.57 34.03 -6.31
C GLY C 302 2.70 35.31 -5.47
N MET C 303 1.83 35.51 -4.50
#